data_6DEG
#
_entry.id   6DEG
#
_cell.length_a   53.510
_cell.length_b   157.670
_cell.length_c   53.540
_cell.angle_alpha   90.000
_cell.angle_beta   110.810
_cell.angle_gamma   90.000
#
_symmetry.space_group_name_H-M   'P 1 21 1'
#
loop_
_entity.id
_entity.type
_entity.pdbx_description
1 polymer 'Beta sliding clamp'
2 water water
#
_entity_poly.entity_id   1
_entity_poly.type   'polypeptide(L)'
_entity_poly.pdbx_seq_one_letter_code
;MAHHHHHHMRITVDRSQFFKSLGRVHRVVERRNTVPILSNVLIDAENGSVQLKATDLDLEVTESFTVNIEKAGAITVPAY
LLYDIVRKLPDGSEIVLSVDENQASAMSIVSGCTHFQLQCLPKIDFPESLPGQFGCRFFLSASKLKHLLDCTQFAISTEE
TRYYLNGIYFHIVHDDVLKLRLVATDGHRLAQVDMEAPSGVDGMPGVIIPRKAVGELQKLLSEEIDGDVCIELSETKIRF
SLGSVVFTSKLVDGTFPDYQRVIPLGNDRKLIVNRQDFSSAVDRVSTISNDRGRAVKLTIEHGQLKLVVNNPDSGSAEDQ
LAATYTSEPLEIGFNSRYLLDIAGQLSSDEMVFMLSDAVAPALIRDNNNAEVLYVLMPVRV
;
_entity_poly.pdbx_strand_id   A,B
#
# COMPACT_ATOMS: atom_id res chain seq x y z
N HIS A 8 -5.69 -2.56 -42.55
CA HIS A 8 -6.43 -2.47 -41.30
C HIS A 8 -6.02 -3.58 -40.34
N MET A 9 -6.77 -3.72 -39.26
CA MET A 9 -6.58 -4.75 -38.25
C MET A 9 -7.82 -4.79 -37.37
N ARG A 10 -8.23 -5.99 -36.98
CA ARG A 10 -9.45 -6.14 -36.20
C ARG A 10 -9.44 -7.44 -35.41
N ILE A 11 -9.65 -7.35 -34.09
CA ILE A 11 -9.70 -8.52 -33.22
C ILE A 11 -10.77 -8.30 -32.16
N THR A 12 -11.32 -9.41 -31.64
CA THR A 12 -12.33 -9.39 -30.58
C THR A 12 -11.89 -10.33 -29.48
N VAL A 13 -11.70 -9.80 -28.28
CA VAL A 13 -11.11 -10.55 -27.18
C VAL A 13 -12.04 -10.56 -25.98
N ASP A 14 -11.91 -11.63 -25.19
CA ASP A 14 -12.54 -11.67 -23.88
C ASP A 14 -11.82 -10.70 -22.95
N ARG A 15 -12.57 -9.90 -22.21
CA ARG A 15 -11.96 -8.85 -21.40
C ARG A 15 -11.08 -9.44 -20.30
N SER A 16 -11.61 -10.39 -19.53
CA SER A 16 -10.86 -10.95 -18.42
C SER A 16 -9.62 -11.70 -18.90
N GLN A 17 -9.79 -12.55 -19.92
CA GLN A 17 -8.64 -13.26 -20.47
C GLN A 17 -7.64 -12.30 -21.07
N PHE A 18 -8.10 -11.15 -21.54
CA PHE A 18 -7.21 -10.14 -22.10
C PHE A 18 -6.55 -9.29 -21.01
N PHE A 19 -7.27 -9.04 -19.92
CA PHE A 19 -6.66 -8.31 -18.80
C PHE A 19 -5.57 -9.13 -18.15
N LYS A 20 -5.81 -10.44 -17.97
CA LYS A 20 -4.77 -11.32 -17.45
C LYS A 20 -3.55 -11.33 -18.36
N SER A 21 -3.76 -11.56 -19.67
CA SER A 21 -2.68 -11.55 -20.63
C SER A 21 -1.88 -10.25 -20.61
N LEU A 22 -2.50 -9.16 -20.13
CA LEU A 22 -1.91 -7.84 -20.19
C LEU A 22 -1.12 -7.47 -18.94
N GLY A 23 -1.45 -8.04 -17.79
CA GLY A 23 -0.70 -7.77 -16.58
C GLY A 23 0.70 -8.34 -16.61
N ARG A 24 0.94 -9.33 -17.48
CA ARG A 24 2.25 -9.94 -17.58
C ARG A 24 3.28 -8.95 -18.14
N VAL A 25 2.90 -8.20 -19.19
CA VAL A 25 3.77 -7.19 -19.77
C VAL A 25 3.63 -5.84 -19.09
N HIS A 26 2.80 -5.74 -18.05
CA HIS A 26 2.50 -4.45 -17.44
C HIS A 26 3.76 -3.77 -16.90
N ARG A 27 4.61 -4.52 -16.19
CA ARG A 27 5.73 -3.92 -15.50
C ARG A 27 6.79 -3.41 -16.46
N VAL A 28 7.19 -4.23 -17.42
CA VAL A 28 8.29 -3.85 -18.31
C VAL A 28 7.84 -2.75 -19.28
N VAL A 35 10.77 8.81 -24.85
CA VAL A 35 10.76 7.89 -25.98
C VAL A 35 9.33 7.42 -26.24
N PRO A 36 8.67 8.04 -27.22
CA PRO A 36 7.23 7.80 -27.40
C PRO A 36 6.89 6.36 -27.76
N ILE A 37 7.77 5.66 -28.48
CA ILE A 37 7.48 4.29 -28.84
C ILE A 37 7.83 3.31 -27.73
N LEU A 38 8.66 3.71 -26.77
CA LEU A 38 9.10 2.80 -25.71
C LEU A 38 8.11 2.66 -24.57
N SER A 39 7.15 3.57 -24.45
CA SER A 39 6.09 3.45 -23.47
C SER A 39 4.91 2.65 -23.99
N ASN A 40 4.89 2.38 -25.29
CA ASN A 40 3.81 1.66 -25.94
C ASN A 40 4.02 0.15 -25.85
N VAL A 41 3.06 -0.60 -26.41
CA VAL A 41 3.13 -2.05 -26.51
C VAL A 41 2.58 -2.47 -27.88
N LEU A 42 3.27 -3.41 -28.52
CA LEU A 42 2.86 -3.91 -29.83
C LEU A 42 1.80 -5.00 -29.71
N ILE A 43 0.84 -4.98 -30.63
CA ILE A 43 -0.12 -6.07 -30.80
C ILE A 43 -0.01 -6.58 -32.23
N ASP A 44 0.37 -7.85 -32.38
CA ASP A 44 0.45 -8.50 -33.68
C ASP A 44 -0.62 -9.58 -33.76
N ALA A 45 -1.47 -9.50 -34.79
CA ALA A 45 -2.59 -10.43 -34.96
C ALA A 45 -2.37 -11.22 -36.25
N GLU A 46 -2.10 -12.52 -36.11
CA GLU A 46 -1.88 -13.39 -37.27
C GLU A 46 -1.97 -14.84 -36.82
N ASN A 47 -2.47 -15.69 -37.73
CA ASN A 47 -2.45 -17.14 -37.57
C ASN A 47 -3.15 -17.60 -36.29
N GLY A 48 -4.36 -17.08 -36.08
CA GLY A 48 -5.23 -17.57 -35.03
C GLY A 48 -4.73 -17.33 -33.61
N SER A 49 -3.70 -16.51 -33.46
CA SER A 49 -3.22 -16.19 -32.12
C SER A 49 -2.73 -14.75 -32.10
N VAL A 50 -2.93 -14.08 -30.97
CA VAL A 50 -2.54 -12.70 -30.77
C VAL A 50 -1.37 -12.66 -29.80
N GLN A 51 -0.33 -11.92 -30.15
CA GLN A 51 0.88 -11.81 -29.34
C GLN A 51 1.06 -10.37 -28.88
N LEU A 52 1.13 -10.18 -27.57
CA LEU A 52 1.48 -8.90 -26.97
C LEU A 52 2.97 -8.89 -26.67
N LYS A 53 3.62 -7.75 -26.94
CA LYS A 53 5.07 -7.68 -26.79
C LYS A 53 5.50 -6.26 -26.44
N ALA A 54 6.50 -6.14 -25.58
CA ALA A 54 7.08 -4.85 -25.22
C ALA A 54 8.51 -5.07 -24.77
N THR A 55 9.29 -4.00 -24.79
CA THR A 55 10.70 -4.07 -24.48
C THR A 55 11.18 -2.73 -23.90
N ASP A 56 12.24 -2.81 -23.09
CA ASP A 56 12.97 -1.62 -22.65
C ASP A 56 14.40 -1.62 -23.16
N LEU A 57 14.60 -2.22 -24.34
CA LEU A 57 15.89 -2.39 -25.01
C LEU A 57 16.77 -3.43 -24.31
N ASP A 58 16.76 -3.44 -22.97
CA ASP A 58 17.52 -4.43 -22.22
C ASP A 58 16.72 -5.69 -21.95
N LEU A 59 15.40 -5.59 -21.89
CA LEU A 59 14.52 -6.72 -21.66
C LEU A 59 13.42 -6.72 -22.70
N GLU A 60 12.81 -7.88 -22.89
CA GLU A 60 11.66 -8.01 -23.76
C GLU A 60 10.76 -9.11 -23.22
N VAL A 61 9.47 -8.82 -23.09
CA VAL A 61 8.48 -9.78 -22.65
C VAL A 61 7.43 -9.90 -23.74
N THR A 62 7.04 -11.14 -24.04
CA THR A 62 5.94 -11.41 -24.97
C THR A 62 4.98 -12.40 -24.36
N GLU A 63 3.68 -12.18 -24.58
CA GLU A 63 2.65 -13.12 -24.17
C GLU A 63 1.67 -13.29 -25.31
N SER A 64 1.33 -14.55 -25.62
CA SER A 64 0.43 -14.87 -26.71
C SER A 64 -0.70 -15.74 -26.18
N PHE A 65 -1.92 -15.44 -26.62
CA PHE A 65 -3.06 -16.29 -26.33
C PHE A 65 -3.85 -16.50 -27.61
N THR A 66 -4.43 -17.68 -27.73
CA THR A 66 -5.10 -18.07 -28.96
C THR A 66 -6.51 -17.50 -28.99
N VAL A 67 -6.80 -16.72 -30.03
CA VAL A 67 -8.11 -16.13 -30.23
C VAL A 67 -8.36 -16.05 -31.73
N ASN A 68 -9.64 -16.05 -32.10
CA ASN A 68 -10.00 -15.89 -33.51
C ASN A 68 -9.78 -14.46 -33.98
N ILE A 69 -9.04 -14.32 -35.07
CA ILE A 69 -8.54 -13.03 -35.54
C ILE A 69 -9.25 -12.69 -36.85
N GLU A 70 -9.97 -11.57 -36.86
CA GLU A 70 -10.76 -11.20 -38.03
C GLU A 70 -9.89 -10.63 -39.15
N LYS A 71 -8.89 -9.83 -38.81
CA LYS A 71 -8.00 -9.26 -39.82
C LYS A 71 -6.61 -9.15 -39.23
N ALA A 72 -5.61 -9.39 -40.07
CA ALA A 72 -4.23 -9.42 -39.62
C ALA A 72 -3.60 -8.04 -39.76
N GLY A 73 -2.75 -7.71 -38.80
CA GLY A 73 -2.12 -6.41 -38.76
C GLY A 73 -1.51 -6.18 -37.39
N ALA A 74 -0.91 -5.00 -37.25
CA ALA A 74 -0.16 -4.67 -36.04
C ALA A 74 -0.21 -3.18 -35.79
N ILE A 75 -0.11 -2.80 -34.52
CA ILE A 75 -0.13 -1.40 -34.12
C ILE A 75 0.58 -1.28 -32.78
N THR A 76 1.16 -0.11 -32.52
CA THR A 76 1.89 0.17 -31.29
C THR A 76 1.15 1.25 -30.51
N VAL A 77 0.72 0.90 -29.29
CA VAL A 77 -0.17 1.75 -28.50
C VAL A 77 0.35 1.87 -27.07
N PRO A 78 0.23 3.04 -26.42
CA PRO A 78 0.65 3.18 -25.01
C PRO A 78 0.13 2.06 -24.11
N ALA A 79 0.97 1.68 -23.13
CA ALA A 79 0.77 0.46 -22.36
C ALA A 79 0.02 0.68 -21.05
N TYR A 80 0.49 1.59 -20.20
CA TYR A 80 -0.16 1.80 -18.91
C TYR A 80 -1.58 2.33 -19.09
N LEU A 81 -1.78 3.24 -20.04
CA LEU A 81 -3.12 3.72 -20.35
C LEU A 81 -4.05 2.58 -20.75
N LEU A 82 -3.56 1.66 -21.59
CA LEU A 82 -4.39 0.57 -22.07
C LEU A 82 -4.73 -0.41 -20.94
N TYR A 83 -3.76 -0.70 -20.07
CA TYR A 83 -4.05 -1.52 -18.90
C TYR A 83 -5.15 -0.87 -18.05
N ASP A 84 -5.08 0.45 -17.88
CA ASP A 84 -6.07 1.15 -17.07
C ASP A 84 -7.45 1.12 -17.70
N ILE A 85 -7.52 1.10 -19.04
CA ILE A 85 -8.83 1.07 -19.70
C ILE A 85 -9.51 -0.28 -19.46
N VAL A 86 -8.79 -1.37 -19.68
CA VAL A 86 -9.36 -2.70 -19.51
C VAL A 86 -9.66 -2.96 -18.05
N ARG A 87 -8.88 -2.37 -17.14
CA ARG A 87 -9.18 -2.45 -15.73
C ARG A 87 -10.61 -1.99 -15.45
N LYS A 88 -11.02 -0.88 -16.08
CA LYS A 88 -12.33 -0.31 -15.83
C LYS A 88 -13.43 -0.90 -16.72
N LEU A 89 -13.07 -1.65 -17.74
CA LEU A 89 -14.08 -2.24 -18.60
C LEU A 89 -14.79 -3.38 -17.85
N PRO A 90 -16.10 -3.53 -18.04
CA PRO A 90 -16.85 -4.53 -17.27
C PRO A 90 -16.26 -5.92 -17.41
N ASP A 91 -16.26 -6.66 -16.31
CA ASP A 91 -15.68 -8.00 -16.31
C ASP A 91 -16.41 -8.90 -17.28
N GLY A 92 -15.67 -9.84 -17.88
CA GLY A 92 -16.23 -10.78 -18.81
C GLY A 92 -16.75 -10.19 -20.09
N SER A 93 -16.77 -8.86 -20.22
CA SER A 93 -17.28 -8.22 -21.43
C SER A 93 -16.41 -8.59 -22.63
N GLU A 94 -16.87 -8.18 -23.81
CA GLU A 94 -16.17 -8.39 -25.06
C GLU A 94 -15.69 -7.06 -25.58
N ILE A 95 -14.42 -7.00 -25.97
CA ILE A 95 -13.79 -5.77 -26.43
C ILE A 95 -13.45 -5.93 -27.91
N VAL A 96 -13.66 -4.86 -28.67
CA VAL A 96 -13.42 -4.86 -30.10
C VAL A 96 -12.34 -3.83 -30.40
N LEU A 97 -11.26 -4.28 -31.03
CA LEU A 97 -10.07 -3.45 -31.24
C LEU A 97 -9.82 -3.33 -32.73
N SER A 98 -9.87 -2.09 -33.25
CA SER A 98 -9.90 -1.86 -34.68
C SER A 98 -9.02 -0.67 -35.04
N VAL A 99 -8.52 -0.69 -36.28
CA VAL A 99 -7.84 0.45 -36.88
C VAL A 99 -8.58 0.78 -38.19
N ASP A 100 -8.29 1.96 -38.71
CA ASP A 100 -8.88 2.39 -39.98
C ASP A 100 -7.87 3.16 -40.82
N SER A 105 -3.10 5.22 -37.66
CA SER A 105 -2.42 5.60 -36.42
C SER A 105 -3.44 6.00 -35.36
N ALA A 106 -4.64 5.45 -35.49
CA ALA A 106 -5.73 5.68 -34.55
C ALA A 106 -6.43 4.36 -34.31
N MET A 107 -6.34 3.84 -33.09
CA MET A 107 -6.91 2.56 -32.73
C MET A 107 -8.17 2.76 -31.90
N SER A 108 -9.21 2.02 -32.25
CA SER A 108 -10.52 2.14 -31.62
C SER A 108 -10.77 0.96 -30.69
N ILE A 109 -11.27 1.25 -29.50
CA ILE A 109 -11.66 0.26 -28.52
C ILE A 109 -13.15 0.39 -28.28
N VAL A 110 -13.84 -0.74 -28.20
CA VAL A 110 -15.29 -0.74 -28.04
C VAL A 110 -15.67 -1.82 -27.05
N SER A 111 -16.27 -1.41 -25.94
CA SER A 111 -16.89 -2.33 -24.98
C SER A 111 -18.25 -1.72 -24.66
N GLY A 112 -19.30 -2.29 -25.23
CA GLY A 112 -20.61 -1.68 -25.11
C GLY A 112 -20.63 -0.34 -25.82
N CYS A 113 -21.23 0.65 -25.16
CA CYS A 113 -21.22 2.00 -25.69
C CYS A 113 -19.96 2.77 -25.36
N THR A 114 -19.05 2.18 -24.60
CA THR A 114 -17.77 2.81 -24.31
C THR A 114 -16.89 2.65 -25.54
N HIS A 115 -16.58 3.77 -26.19
CA HIS A 115 -15.83 3.78 -27.44
CA HIS A 115 -15.83 3.78 -27.45
C HIS A 115 -14.61 4.67 -27.27
N PHE A 116 -13.44 4.07 -27.15
CA PHE A 116 -12.19 4.79 -27.01
C PHE A 116 -11.54 5.00 -28.38
N GLN A 117 -10.56 5.91 -28.42
CA GLN A 117 -9.81 6.18 -29.64
C GLN A 117 -8.43 6.69 -29.25
N LEU A 118 -7.41 5.85 -29.43
CA LEU A 118 -6.06 6.12 -28.92
C LEU A 118 -5.11 6.48 -30.05
N GLN A 119 -4.09 7.26 -29.70
CA GLN A 119 -3.02 7.62 -30.63
C GLN A 119 -1.96 6.54 -30.62
N CYS A 120 -1.59 6.06 -31.82
CA CYS A 120 -0.69 4.92 -31.91
C CYS A 120 0.51 5.18 -32.81
N LEU A 121 1.28 4.13 -33.06
CA LEU A 121 2.44 4.14 -33.92
C LEU A 121 2.48 2.80 -34.66
N PRO A 122 2.92 2.79 -35.91
CA PRO A 122 2.95 1.54 -36.67
C PRO A 122 3.98 0.57 -36.10
N LYS A 123 3.81 -0.71 -36.48
CA LYS A 123 4.74 -1.74 -36.03
C LYS A 123 6.16 -1.49 -36.55
N ILE A 124 6.28 -0.90 -37.74
CA ILE A 124 7.56 -0.69 -38.40
C ILE A 124 8.53 0.07 -37.48
N ASP A 125 7.97 0.82 -36.53
CA ASP A 125 8.79 1.54 -35.56
C ASP A 125 9.25 0.68 -34.38
N PHE A 126 8.90 -0.62 -34.37
CA PHE A 126 9.22 -1.53 -33.28
C PHE A 126 10.46 -2.36 -33.60
N PRO A 127 11.32 -2.63 -32.60
CA PRO A 127 12.55 -3.41 -32.81
C PRO A 127 12.31 -4.84 -33.26
N GLN A 133 21.11 -16.97 -32.36
CA GLN A 133 21.44 -18.37 -32.25
C GLN A 133 21.70 -18.74 -30.80
N PHE A 134 21.03 -19.79 -30.33
CA PHE A 134 21.11 -20.22 -28.94
C PHE A 134 21.83 -21.56 -28.88
N GLY A 135 23.07 -21.54 -28.36
CA GLY A 135 23.82 -22.78 -28.26
C GLY A 135 23.23 -23.74 -27.25
N CYS A 136 22.83 -23.21 -26.09
CA CYS A 136 22.29 -24.04 -25.02
C CYS A 136 20.76 -24.03 -25.02
N ARG A 137 20.19 -25.13 -24.53
CA ARG A 137 18.74 -25.23 -24.36
C ARG A 137 18.41 -26.40 -23.45
N PHE A 138 17.60 -26.14 -22.43
CA PHE A 138 17.18 -27.13 -21.46
C PHE A 138 15.95 -26.60 -20.75
N PHE A 139 15.43 -27.39 -19.80
CA PHE A 139 14.18 -27.08 -19.11
C PHE A 139 14.33 -27.24 -17.61
N LEU A 140 13.55 -26.45 -16.88
CA LEU A 140 13.53 -26.46 -15.42
C LEU A 140 12.17 -25.99 -14.97
N SER A 141 11.68 -26.59 -13.87
CA SER A 141 10.39 -26.20 -13.31
C SER A 141 10.43 -24.76 -12.82
N ALA A 142 9.32 -24.05 -13.03
CA ALA A 142 9.26 -22.63 -12.67
C ALA A 142 9.42 -22.44 -11.17
N SER A 143 8.84 -23.32 -10.36
CA SER A 143 8.95 -23.16 -8.91
C SER A 143 10.40 -23.36 -8.46
N LYS A 144 11.06 -24.39 -8.97
CA LYS A 144 12.46 -24.62 -8.62
C LYS A 144 13.31 -23.45 -9.07
N LEU A 145 12.98 -22.87 -10.22
CA LEU A 145 13.70 -21.72 -10.74
C LEU A 145 13.56 -20.51 -9.81
N LYS A 146 12.33 -20.19 -9.42
CA LYS A 146 12.10 -19.01 -8.58
C LYS A 146 12.79 -19.15 -7.22
N HIS A 147 12.86 -20.37 -6.69
CA HIS A 147 13.54 -20.57 -5.42
C HIS A 147 15.00 -20.16 -5.49
N LEU A 148 15.68 -20.54 -6.57
CA LEU A 148 17.10 -20.21 -6.70
C LEU A 148 17.30 -18.70 -6.77
N LEU A 149 16.36 -17.98 -7.37
CA LEU A 149 16.51 -16.53 -7.45
C LEU A 149 16.21 -15.89 -6.11
N ASP A 150 15.18 -16.38 -5.43
CA ASP A 150 14.87 -15.84 -4.10
C ASP A 150 15.99 -16.14 -3.11
N CYS A 151 16.72 -17.23 -3.30
CA CYS A 151 17.88 -17.51 -2.46
C CYS A 151 19.01 -16.53 -2.69
N THR A 152 19.05 -15.89 -3.85
CA THR A 152 20.15 -15.03 -4.22
C THR A 152 19.75 -13.58 -4.41
N GLN A 153 18.47 -13.30 -4.69
CA GLN A 153 18.05 -11.95 -5.08
C GLN A 153 18.42 -10.92 -4.03
N PHE A 154 18.29 -11.26 -2.75
CA PHE A 154 18.51 -10.30 -1.69
C PHE A 154 19.98 -10.03 -1.42
N ALA A 155 20.88 -10.72 -2.10
CA ALA A 155 22.31 -10.52 -1.87
C ALA A 155 22.91 -9.68 -2.99
N ASN A 166 24.86 -5.53 -9.30
CA ASN A 166 25.53 -6.09 -10.48
C ASN A 166 24.70 -7.20 -11.11
N GLY A 167 24.81 -8.41 -10.57
CA GLY A 167 24.08 -9.53 -11.15
C GLY A 167 24.25 -10.78 -10.32
N ILE A 168 23.71 -11.88 -10.84
CA ILE A 168 23.84 -13.19 -10.22
C ILE A 168 24.57 -14.09 -11.20
N TYR A 169 25.49 -14.91 -10.67
CA TYR A 169 26.38 -15.67 -11.53
C TYR A 169 25.70 -16.96 -11.97
N PHE A 170 25.65 -17.17 -13.27
CA PHE A 170 24.99 -18.32 -13.86
C PHE A 170 26.07 -19.19 -14.50
N HIS A 171 26.33 -20.34 -13.89
CA HIS A 171 27.40 -21.21 -14.35
C HIS A 171 27.13 -22.61 -13.80
N ILE A 172 27.98 -23.55 -14.21
CA ILE A 172 27.90 -24.92 -13.73
C ILE A 172 29.19 -25.27 -13.03
N VAL A 173 29.09 -26.16 -12.05
CA VAL A 173 30.25 -26.67 -11.33
C VAL A 173 30.38 -28.16 -11.65
N HIS A 174 31.58 -28.57 -12.04
CA HIS A 174 31.84 -29.96 -12.42
C HIS A 174 32.33 -30.72 -11.20
N ASP A 175 31.39 -31.38 -10.51
CA ASP A 175 31.71 -32.05 -9.25
C ASP A 175 31.34 -33.53 -9.36
N ASP A 176 31.79 -34.18 -10.43
CA ASP A 176 31.31 -35.52 -10.79
C ASP A 176 29.81 -35.49 -11.03
N VAL A 177 29.05 -34.98 -10.06
CA VAL A 177 27.64 -34.66 -10.24
C VAL A 177 27.55 -33.17 -10.56
N LEU A 178 27.14 -32.85 -11.78
CA LEU A 178 26.98 -31.46 -12.20
C LEU A 178 26.00 -30.74 -11.27
N LYS A 179 26.39 -29.54 -10.84
CA LYS A 179 25.54 -28.72 -9.99
C LYS A 179 25.40 -27.35 -10.64
N LEU A 180 24.17 -27.02 -11.04
CA LEU A 180 23.87 -25.68 -11.52
C LEU A 180 23.86 -24.71 -10.35
N ARG A 181 24.69 -23.68 -10.41
CA ARG A 181 24.94 -22.83 -9.25
C ARG A 181 24.66 -21.38 -9.57
N LEU A 182 24.03 -20.69 -8.63
CA LEU A 182 23.85 -19.25 -8.68
C LEU A 182 24.64 -18.63 -7.53
N VAL A 183 25.29 -17.51 -7.80
CA VAL A 183 26.12 -16.83 -6.84
C VAL A 183 25.80 -15.34 -6.92
N ALA A 184 25.58 -14.72 -5.78
CA ALA A 184 25.46 -13.28 -5.68
C ALA A 184 26.30 -12.84 -4.49
N THR A 185 27.10 -11.78 -4.70
CA THR A 185 27.99 -11.32 -3.66
C THR A 185 28.18 -9.81 -3.77
N ASP A 186 28.55 -9.20 -2.65
CA ASP A 186 28.81 -7.76 -2.54
C ASP A 186 30.15 -7.63 -1.84
N GLY A 187 31.23 -7.58 -2.62
CA GLY A 187 32.54 -7.62 -2.02
C GLY A 187 32.77 -8.93 -1.29
N HIS A 188 32.54 -8.94 0.03
CA HIS A 188 32.70 -10.15 0.83
C HIS A 188 31.38 -10.86 1.17
N ARG A 189 30.31 -10.12 1.43
CA ARG A 189 28.99 -10.75 1.63
C ARG A 189 28.55 -11.47 0.37
N LEU A 190 28.07 -12.71 0.51
CA LEU A 190 27.80 -13.55 -0.66
C LEU A 190 26.61 -14.47 -0.40
N ALA A 191 25.99 -14.89 -1.51
CA ALA A 191 24.92 -15.88 -1.50
C ALA A 191 25.10 -16.83 -2.67
N GLN A 192 25.17 -18.12 -2.38
CA GLN A 192 25.42 -19.15 -3.38
C GLN A 192 24.44 -20.29 -3.17
N VAL A 193 23.81 -20.76 -4.24
CA VAL A 193 22.85 -21.86 -4.18
C VAL A 193 23.13 -22.83 -5.31
N ASP A 194 23.16 -24.13 -4.98
CA ASP A 194 23.46 -25.20 -5.92
C ASP A 194 22.25 -26.12 -6.09
N MET A 195 22.19 -26.77 -7.24
CA MET A 195 21.13 -27.73 -7.54
C MET A 195 21.64 -28.70 -8.59
N GLU A 196 21.14 -29.94 -8.54
CA GLU A 196 21.51 -30.93 -9.54
C GLU A 196 21.08 -30.46 -10.93
N ALA A 197 22.05 -30.36 -11.84
CA ALA A 197 21.80 -29.78 -13.16
C ALA A 197 21.05 -30.77 -14.07
N PRO A 198 20.21 -30.26 -14.99
CA PRO A 198 19.44 -31.15 -15.87
C PRO A 198 20.10 -31.34 -17.21
N SER A 199 19.52 -32.19 -18.07
CA SER A 199 20.12 -32.49 -19.36
C SER A 199 20.24 -31.25 -20.23
N GLY A 200 21.27 -31.25 -21.09
CA GLY A 200 21.52 -30.17 -22.02
C GLY A 200 22.35 -29.04 -21.48
N VAL A 201 22.87 -29.15 -20.25
CA VAL A 201 23.66 -28.08 -19.66
C VAL A 201 25.14 -28.17 -20.04
N ASP A 202 25.64 -29.37 -20.25
CA ASP A 202 27.08 -29.58 -20.45
C ASP A 202 27.58 -28.72 -21.60
N GLY A 203 28.55 -27.86 -21.30
CA GLY A 203 29.06 -26.90 -22.25
C GLY A 203 28.57 -25.48 -22.04
N MET A 204 27.55 -25.27 -21.21
CA MET A 204 27.08 -23.93 -20.90
C MET A 204 28.20 -23.12 -20.25
N PRO A 205 28.40 -21.87 -20.67
CA PRO A 205 29.50 -21.07 -20.11
C PRO A 205 29.14 -20.44 -18.77
N GLY A 206 29.80 -19.33 -18.46
CA GLY A 206 29.50 -18.60 -17.25
C GLY A 206 29.06 -17.20 -17.61
N VAL A 207 27.84 -16.83 -17.20
CA VAL A 207 27.23 -15.57 -17.61
C VAL A 207 26.74 -14.84 -16.38
N ILE A 208 26.55 -13.53 -16.54
CA ILE A 208 26.09 -12.64 -15.47
C ILE A 208 24.73 -12.11 -15.87
N ILE A 209 23.76 -12.27 -14.99
CA ILE A 209 22.37 -11.89 -15.26
C ILE A 209 22.09 -10.59 -14.54
N PRO A 210 21.62 -9.55 -15.24
CA PRO A 210 21.35 -8.27 -14.57
C PRO A 210 20.33 -8.44 -13.45
N ARG A 211 20.53 -7.65 -12.39
CA ARG A 211 19.57 -7.67 -11.28
C ARG A 211 18.19 -7.22 -11.72
N LYS A 212 18.12 -6.29 -12.68
CA LYS A 212 16.84 -5.88 -13.25
C LYS A 212 16.09 -7.08 -13.82
N ALA A 213 16.79 -7.95 -14.54
CA ALA A 213 16.14 -9.09 -15.17
C ALA A 213 15.65 -10.11 -14.15
N VAL A 214 16.35 -10.26 -13.02
CA VAL A 214 15.94 -11.24 -12.02
C VAL A 214 14.59 -10.85 -11.43
N GLY A 215 14.44 -9.58 -11.04
CA GLY A 215 13.20 -9.15 -10.42
C GLY A 215 12.00 -9.33 -11.33
N GLU A 216 12.13 -8.95 -12.60
CA GLU A 216 11.03 -9.13 -13.53
C GLU A 216 10.71 -10.60 -13.72
N LEU A 217 11.71 -11.48 -13.62
CA LEU A 217 11.45 -12.90 -13.76
C LEU A 217 10.73 -13.46 -12.54
N GLN A 218 11.17 -13.10 -11.33
CA GLN A 218 10.47 -13.62 -10.16
C GLN A 218 9.07 -13.05 -10.05
N LYS A 219 8.85 -11.84 -10.58
CA LYS A 219 7.49 -11.34 -10.70
C LYS A 219 6.71 -12.19 -11.69
N LEU A 220 7.34 -12.54 -12.82
CA LEU A 220 6.68 -13.39 -13.81
C LEU A 220 6.42 -14.80 -13.28
N LEU A 221 7.31 -15.31 -12.44
CA LEU A 221 7.12 -16.65 -11.89
C LEU A 221 6.13 -16.65 -10.73
N SER A 222 5.96 -15.50 -10.06
CA SER A 222 4.94 -15.41 -9.02
C SER A 222 3.55 -15.39 -9.60
N GLU A 223 3.39 -14.86 -10.82
CA GLU A 223 2.07 -14.65 -11.41
C GLU A 223 1.65 -15.79 -12.34
N GLU A 224 2.30 -16.94 -12.27
CA GLU A 224 1.87 -18.07 -13.09
C GLU A 224 1.91 -19.35 -12.25
N ILE A 225 1.12 -20.34 -12.70
CA ILE A 225 1.15 -21.64 -12.05
C ILE A 225 2.44 -22.35 -12.40
N ASP A 226 2.80 -23.33 -11.58
CA ASP A 226 4.03 -24.08 -11.81
C ASP A 226 3.98 -24.79 -13.16
N GLY A 227 5.11 -24.80 -13.84
CA GLY A 227 5.19 -25.46 -15.12
C GLY A 227 6.62 -25.66 -15.50
N ASP A 228 6.84 -25.89 -16.79
CA ASP A 228 8.17 -26.07 -17.34
C ASP A 228 8.63 -24.81 -18.03
N VAL A 229 9.90 -24.45 -17.79
CA VAL A 229 10.51 -23.23 -18.32
C VAL A 229 11.65 -23.64 -19.23
N CYS A 230 11.61 -23.19 -20.48
CA CYS A 230 12.66 -23.49 -21.44
C CYS A 230 13.72 -22.40 -21.37
N ILE A 231 14.90 -22.75 -20.87
CA ILE A 231 16.02 -21.82 -20.78
C ILE A 231 16.92 -22.02 -21.99
N GLU A 232 17.05 -20.99 -22.80
CA GLU A 232 17.91 -20.97 -23.97
C GLU A 232 18.88 -19.82 -23.82
N LEU A 233 20.17 -20.10 -23.99
CA LEU A 233 21.22 -19.11 -23.78
C LEU A 233 22.01 -18.93 -25.06
N SER A 234 22.14 -17.69 -25.50
CA SER A 234 22.85 -17.33 -26.71
C SER A 234 24.20 -16.73 -26.32
N GLU A 235 24.83 -16.01 -27.25
CA GLU A 235 26.07 -15.31 -26.90
C GLU A 235 25.79 -14.13 -25.98
N THR A 236 24.70 -13.39 -26.23
CA THR A 236 24.43 -12.14 -25.53
C THR A 236 23.14 -12.16 -24.71
N LYS A 237 22.21 -13.06 -24.98
CA LYS A 237 20.90 -13.02 -24.34
C LYS A 237 20.52 -14.40 -23.81
N ILE A 238 19.56 -14.39 -22.90
CA ILE A 238 18.98 -15.59 -22.31
C ILE A 238 17.46 -15.44 -22.34
N ARG A 239 16.76 -16.52 -22.64
CA ARG A 239 15.31 -16.49 -22.82
C ARG A 239 14.63 -17.52 -21.95
N PHE A 240 13.48 -17.14 -21.39
CA PHE A 240 12.66 -18.02 -20.56
C PHE A 240 11.28 -18.13 -21.20
N SER A 241 10.92 -19.32 -21.64
CA SER A 241 9.61 -19.59 -22.22
C SER A 241 8.77 -20.38 -21.22
N LEU A 242 7.64 -19.81 -20.81
CA LEU A 242 6.74 -20.40 -19.83
C LEU A 242 5.37 -20.66 -20.45
N GLY A 243 5.34 -21.13 -21.69
CA GLY A 243 4.09 -21.36 -22.36
C GLY A 243 3.65 -20.14 -23.16
N SER A 244 2.66 -19.41 -22.63
CA SER A 244 2.24 -18.19 -23.29
C SER A 244 3.34 -17.12 -23.25
N VAL A 245 4.09 -17.06 -22.16
CA VAL A 245 5.03 -15.98 -21.90
C VAL A 245 6.41 -16.35 -22.40
N VAL A 246 7.14 -15.37 -22.93
CA VAL A 246 8.55 -15.50 -23.30
C VAL A 246 9.27 -14.23 -22.86
N PHE A 247 10.24 -14.36 -21.97
CA PHE A 247 11.01 -13.24 -21.46
C PHE A 247 12.44 -13.32 -21.97
N THR A 248 13.00 -12.18 -22.36
CA THR A 248 14.33 -12.12 -22.95
C THR A 248 15.09 -10.94 -22.39
N SER A 249 16.40 -11.14 -22.15
CA SER A 249 17.23 -10.12 -21.54
C SER A 249 18.64 -10.16 -22.11
N LYS A 250 19.26 -8.99 -22.21
CA LYS A 250 20.69 -8.90 -22.52
C LYS A 250 21.50 -9.40 -21.32
N LEU A 251 22.81 -9.56 -21.53
CA LEU A 251 23.70 -10.02 -20.49
C LEU A 251 24.75 -8.96 -20.15
N VAL A 252 25.37 -9.13 -18.99
CA VAL A 252 26.32 -8.17 -18.45
C VAL A 252 27.68 -8.38 -19.09
N ASP A 253 28.38 -7.27 -19.37
CA ASP A 253 29.75 -7.32 -19.88
C ASP A 253 30.72 -7.36 -18.71
N GLY A 254 31.46 -8.47 -18.60
CA GLY A 254 32.53 -8.54 -17.64
C GLY A 254 32.85 -9.98 -17.27
N THR A 255 33.67 -10.10 -16.24
CA THR A 255 34.11 -11.38 -15.69
C THR A 255 33.84 -11.40 -14.20
N PHE A 256 33.56 -12.59 -13.67
CA PHE A 256 33.31 -12.72 -12.24
C PHE A 256 34.58 -13.15 -11.52
N PRO A 257 34.97 -12.48 -10.43
CA PRO A 257 36.16 -12.88 -9.67
C PRO A 257 35.83 -14.07 -8.77
N ASP A 258 36.46 -15.21 -9.04
CA ASP A 258 36.17 -16.49 -8.39
C ASP A 258 35.73 -16.29 -6.94
N TYR A 259 34.41 -16.22 -6.77
CA TYR A 259 33.74 -15.90 -5.52
C TYR A 259 34.18 -16.81 -4.39
N GLN A 260 34.85 -17.92 -4.71
CA GLN A 260 35.35 -18.80 -3.66
C GLN A 260 36.40 -18.11 -2.79
N ARG A 261 36.99 -17.01 -3.28
CA ARG A 261 37.97 -16.27 -2.48
C ARG A 261 37.34 -15.64 -1.23
N VAL A 262 36.08 -15.24 -1.30
CA VAL A 262 35.45 -14.59 -0.15
C VAL A 262 34.85 -15.56 0.85
N ILE A 263 34.62 -16.82 0.46
CA ILE A 263 33.99 -17.80 1.34
C ILE A 263 35.03 -18.32 2.34
N PRO A 264 34.75 -18.28 3.63
CA PRO A 264 35.70 -18.83 4.61
C PRO A 264 35.78 -20.35 4.54
N LEU A 265 36.98 -20.88 4.82
CA LEU A 265 37.27 -22.30 4.69
C LEU A 265 37.21 -23.05 6.02
N GLY A 266 37.90 -22.55 7.05
CA GLY A 266 37.92 -23.20 8.33
C GLY A 266 37.34 -22.36 9.45
N ASN A 267 36.01 -22.34 9.57
CA ASN A 267 35.34 -21.68 10.68
C ASN A 267 35.05 -22.71 11.76
N ASP A 268 35.70 -22.54 12.92
CA ASP A 268 35.76 -23.59 13.93
C ASP A 268 34.48 -23.70 14.74
N ARG A 269 33.92 -22.58 15.18
CA ARG A 269 32.80 -22.60 16.11
C ARG A 269 31.49 -22.81 15.37
N LYS A 270 30.70 -23.79 15.83
CA LYS A 270 29.45 -24.17 15.18
C LYS A 270 28.30 -23.88 16.12
N LEU A 271 27.27 -23.22 15.59
CA LEU A 271 26.14 -22.76 16.40
C LEU A 271 24.83 -23.13 15.70
N ILE A 272 23.90 -23.68 16.46
CA ILE A 272 22.60 -24.10 15.93
C ILE A 272 21.49 -23.50 16.78
N VAL A 273 20.46 -22.99 16.12
CA VAL A 273 19.28 -22.41 16.77
C VAL A 273 18.07 -22.74 15.92
N ASN A 274 16.90 -22.75 16.55
CA ASN A 274 15.67 -22.91 15.80
C ASN A 274 15.51 -21.73 14.85
N ARG A 275 15.23 -22.04 13.58
CA ARG A 275 15.16 -20.98 12.57
C ARG A 275 13.98 -20.05 12.82
N GLN A 276 12.80 -20.62 13.11
CA GLN A 276 11.62 -19.79 13.28
C GLN A 276 11.66 -19.04 14.60
N ASP A 277 12.15 -19.68 15.66
CA ASP A 277 12.35 -18.98 16.92
C ASP A 277 13.38 -17.87 16.78
N PHE A 278 14.36 -18.05 15.89
CA PHE A 278 15.43 -17.08 15.74
C PHE A 278 14.98 -15.87 14.92
N SER A 279 14.32 -16.11 13.80
CA SER A 279 13.78 -15.02 12.99
C SER A 279 12.89 -14.11 13.83
N SER A 280 11.90 -14.70 14.52
CA SER A 280 10.98 -13.92 15.33
C SER A 280 11.71 -13.12 16.38
N ALA A 281 12.70 -13.73 17.04
CA ALA A 281 13.46 -13.03 18.07
C ALA A 281 14.25 -11.86 17.49
N VAL A 282 14.89 -12.07 16.35
CA VAL A 282 15.61 -10.98 15.68
C VAL A 282 14.65 -9.87 15.27
N ASP A 283 13.44 -10.27 14.85
CA ASP A 283 12.43 -9.30 14.43
C ASP A 283 12.06 -8.34 15.56
N ARG A 284 11.97 -8.85 16.78
CA ARG A 284 11.45 -8.06 17.88
C ARG A 284 12.45 -7.01 18.37
N VAL A 285 13.71 -7.40 18.56
CA VAL A 285 14.70 -6.50 19.16
C VAL A 285 15.16 -5.38 18.23
N SER A 286 15.05 -5.57 16.91
CA SER A 286 15.53 -4.54 16.00
C SER A 286 14.58 -3.35 15.86
N THR A 287 13.42 -3.39 16.52
CA THR A 287 12.48 -2.28 16.46
C THR A 287 12.98 -1.05 17.21
N ILE A 288 13.85 -1.22 18.21
CA ILE A 288 14.34 -0.08 18.97
C ILE A 288 15.49 0.58 18.22
N SER A 289 15.63 0.24 16.95
CA SER A 289 16.48 1.03 16.09
C SER A 289 16.00 0.78 14.65
N ASN A 290 14.80 1.31 14.37
CA ASN A 290 14.31 1.38 13.00
C ASN A 290 15.27 2.11 12.07
N ASP A 291 16.18 2.90 12.63
CA ASP A 291 17.12 3.72 11.87
C ASP A 291 18.43 2.98 11.63
N ARG A 292 19.55 3.69 11.76
CA ARG A 292 20.87 3.17 11.38
C ARG A 292 21.43 2.16 12.37
N GLY A 293 20.88 2.09 13.59
CA GLY A 293 21.34 1.10 14.54
C GLY A 293 20.75 -0.27 14.29
N ARG A 294 20.60 -0.62 13.02
CA ARG A 294 20.13 -1.94 12.60
C ARG A 294 21.02 -3.07 13.09
N ALA A 295 22.19 -2.75 13.63
CA ALA A 295 23.06 -3.78 14.16
C ALA A 295 22.48 -4.37 15.44
N VAL A 296 22.62 -5.68 15.58
CA VAL A 296 22.21 -6.41 16.79
C VAL A 296 23.40 -7.22 17.27
N LYS A 297 23.59 -7.29 18.58
CA LYS A 297 24.71 -7.98 19.18
C LYS A 297 24.29 -9.38 19.63
N LEU A 298 25.06 -10.38 19.23
CA LEU A 298 24.83 -11.76 19.59
C LEU A 298 25.85 -12.16 20.65
N THR A 299 25.39 -12.31 21.89
CA THR A 299 26.24 -12.80 22.97
C THR A 299 26.06 -14.31 23.07
N ILE A 300 27.12 -15.06 22.81
CA ILE A 300 27.06 -16.51 22.67
C ILE A 300 27.76 -17.16 23.85
N GLU A 301 27.03 -18.02 24.55
CA GLU A 301 27.56 -18.86 25.63
C GLU A 301 27.19 -20.31 25.32
N HIS A 302 27.52 -21.20 26.26
CA HIS A 302 27.27 -22.63 26.08
C HIS A 302 25.79 -22.93 26.16
N GLY A 303 25.19 -23.31 25.04
CA GLY A 303 23.79 -23.66 25.01
C GLY A 303 22.83 -22.53 25.32
N GLN A 304 23.26 -21.28 25.13
CA GLN A 304 22.41 -20.13 25.41
C GLN A 304 22.76 -19.02 24.43
N LEU A 305 21.79 -18.15 24.17
CA LEU A 305 21.96 -17.09 23.19
C LEU A 305 21.21 -15.85 23.66
N LYS A 306 21.95 -14.80 24.03
CA LYS A 306 21.35 -13.53 24.41
C LYS A 306 21.49 -12.56 23.25
N LEU A 307 20.40 -11.88 22.91
CA LEU A 307 20.37 -10.88 21.85
C LEU A 307 20.29 -9.48 22.44
N VAL A 308 21.05 -8.55 21.87
CA VAL A 308 21.23 -7.22 22.45
C VAL A 308 21.20 -6.19 21.32
N VAL A 309 20.17 -5.33 21.32
CA VAL A 309 20.18 -4.11 20.53
C VAL A 309 20.13 -2.93 21.49
N ASN A 310 20.97 -1.94 21.24
CA ASN A 310 21.02 -0.74 22.07
C ASN A 310 20.80 0.49 21.20
N ASN A 311 20.25 1.52 21.80
CA ASN A 311 20.02 2.79 21.15
C ASN A 311 20.02 3.89 22.20
N PRO A 312 21.04 4.74 22.24
CA PRO A 312 21.09 5.81 23.25
C PRO A 312 19.90 6.75 23.17
N ASP A 313 19.31 6.94 21.99
CA ASP A 313 18.15 7.80 21.82
C ASP A 313 16.84 7.06 22.03
N SER A 314 16.87 5.75 22.17
CA SER A 314 15.65 4.94 22.29
C SER A 314 15.69 3.99 23.47
N GLY A 315 16.85 3.41 23.78
CA GLY A 315 16.94 2.48 24.88
C GLY A 315 17.56 1.15 24.49
N SER A 316 17.21 0.09 25.21
CA SER A 316 17.85 -1.21 25.06
C SER A 316 16.79 -2.28 24.88
N ALA A 317 17.19 -3.37 24.23
CA ALA A 317 16.33 -4.53 24.06
C ALA A 317 17.12 -5.79 24.39
N GLU A 318 16.40 -6.84 24.77
CA GLU A 318 17.00 -8.10 25.18
C GLU A 318 16.10 -9.27 24.80
N ASP A 319 16.71 -10.37 24.38
CA ASP A 319 16.01 -11.63 24.25
C ASP A 319 17.00 -12.77 24.43
N GLN A 320 16.46 -13.94 24.71
CA GLN A 320 17.30 -15.11 24.96
C GLN A 320 16.63 -16.35 24.39
N LEU A 321 17.42 -17.21 23.74
CA LEU A 321 16.93 -18.48 23.24
C LEU A 321 17.99 -19.55 23.46
N ALA A 322 17.56 -20.81 23.29
CA ALA A 322 18.44 -21.96 23.44
C ALA A 322 19.21 -22.23 22.15
N ALA A 323 20.52 -22.44 22.28
CA ALA A 323 21.39 -22.65 21.14
C ALA A 323 22.19 -23.93 21.33
N THR A 324 22.72 -24.45 20.24
CA THR A 324 23.61 -25.60 20.27
C THR A 324 25.02 -25.06 20.03
N TYR A 325 25.69 -24.71 21.13
CA TYR A 325 26.99 -24.06 21.07
C TYR A 325 27.89 -24.68 22.12
N THR A 326 29.07 -25.13 21.69
CA THR A 326 30.04 -25.74 22.60
C THR A 326 31.43 -25.15 22.42
N SER A 327 31.57 -24.02 21.74
CA SER A 327 32.86 -23.42 21.48
C SER A 327 33.13 -22.31 22.49
N GLU A 328 34.20 -21.54 22.26
CA GLU A 328 34.52 -20.43 23.14
C GLU A 328 33.47 -19.33 23.02
N PRO A 329 33.01 -18.77 24.14
CA PRO A 329 31.97 -17.73 24.07
C PRO A 329 32.41 -16.58 23.16
N LEU A 330 31.45 -16.08 22.39
CA LEU A 330 31.73 -15.05 21.41
C LEU A 330 30.66 -13.97 21.50
N GLU A 331 31.08 -12.74 21.22
CA GLU A 331 30.16 -11.62 21.07
C GLU A 331 30.38 -11.05 19.68
N ILE A 332 29.39 -11.22 18.81
CA ILE A 332 29.49 -10.81 17.42
C ILE A 332 28.17 -10.17 17.01
N GLY A 333 28.24 -9.23 16.09
CA GLY A 333 27.07 -8.49 15.66
C GLY A 333 26.86 -8.56 14.16
N PHE A 334 25.61 -8.42 13.75
CA PHE A 334 25.25 -8.44 12.34
C PHE A 334 24.17 -7.40 12.08
N ASN A 335 23.89 -7.18 10.80
CA ASN A 335 22.80 -6.31 10.39
C ASN A 335 21.49 -7.06 10.55
N SER A 336 20.48 -6.36 11.08
CA SER A 336 19.22 -7.04 11.42
C SER A 336 18.48 -7.52 10.18
N ARG A 337 18.36 -6.67 9.16
CA ARG A 337 17.55 -7.05 8.02
C ARG A 337 18.25 -8.08 7.15
N TYR A 338 19.58 -8.03 7.06
CA TYR A 338 20.30 -8.99 6.24
C TYR A 338 20.16 -10.40 6.80
N LEU A 339 20.04 -10.53 8.13
CA LEU A 339 19.76 -11.83 8.74
C LEU A 339 18.37 -12.33 8.34
N LEU A 340 17.34 -11.51 8.53
CA LEU A 340 15.98 -11.96 8.30
C LEU A 340 15.71 -12.27 6.83
N ASP A 341 16.50 -11.71 5.91
CA ASP A 341 16.41 -12.14 4.52
C ASP A 341 17.00 -13.54 4.34
N ILE A 342 18.15 -13.78 4.95
CA ILE A 342 18.78 -15.11 4.86
C ILE A 342 17.92 -16.15 5.55
N ALA A 343 17.52 -15.88 6.79
CA ALA A 343 16.63 -16.78 7.51
C ALA A 343 15.28 -16.91 6.81
N GLY A 344 14.81 -15.84 6.18
CA GLY A 344 13.60 -15.94 5.38
C GLY A 344 13.75 -16.90 4.23
N GLN A 345 14.97 -17.11 3.76
CA GLN A 345 15.24 -17.97 2.62
C GLN A 345 15.80 -19.34 3.01
N LEU A 346 16.20 -19.53 4.26
CA LEU A 346 16.51 -20.88 4.73
C LEU A 346 15.22 -21.61 5.07
N SER A 347 15.31 -22.94 5.12
CA SER A 347 14.12 -23.79 5.17
C SER A 347 14.12 -24.85 6.26
N SER A 348 15.25 -25.15 6.90
CA SER A 348 15.19 -26.16 7.93
C SER A 348 14.74 -25.54 9.25
N ASP A 349 14.31 -26.40 10.17
CA ASP A 349 13.90 -25.92 11.49
C ASP A 349 15.07 -25.28 12.22
N GLU A 350 16.29 -25.69 11.88
CA GLU A 350 17.51 -25.26 12.55
C GLU A 350 18.36 -24.43 11.60
N MET A 351 19.03 -23.43 12.16
CA MET A 351 19.98 -22.60 11.42
C MET A 351 21.39 -22.88 11.91
N VAL A 352 22.34 -22.88 10.98
CA VAL A 352 23.73 -23.24 11.27
C VAL A 352 24.60 -22.04 11.00
N PHE A 353 25.54 -21.77 11.91
CA PHE A 353 26.50 -20.69 11.79
C PHE A 353 27.90 -21.25 11.85
N MET A 354 28.73 -20.89 10.89
CA MET A 354 30.16 -21.18 10.92
C MET A 354 30.85 -19.86 11.17
N LEU A 355 31.40 -19.69 12.36
CA LEU A 355 31.91 -18.40 12.82
C LEU A 355 33.37 -18.50 13.21
N SER A 356 34.00 -17.34 13.34
CA SER A 356 35.37 -17.24 13.83
C SER A 356 35.45 -16.29 15.01
N ASP A 357 35.61 -15.00 14.74
CA ASP A 357 35.58 -13.96 15.77
C ASP A 357 34.54 -12.91 15.40
N ALA A 358 34.53 -11.81 16.16
CA ALA A 358 33.59 -10.73 15.90
C ALA A 358 33.87 -10.02 14.58
N VAL A 359 35.02 -10.26 13.96
CA VAL A 359 35.40 -9.57 12.74
C VAL A 359 35.38 -10.49 11.51
N ALA A 360 35.40 -11.81 11.69
CA ALA A 360 35.50 -12.59 10.48
C ALA A 360 34.13 -12.95 9.94
N PRO A 361 33.99 -13.02 8.62
CA PRO A 361 32.69 -13.33 8.02
C PRO A 361 32.13 -14.64 8.54
N ALA A 362 30.81 -14.68 8.65
CA ALA A 362 30.09 -15.87 9.10
C ALA A 362 29.65 -16.67 7.89
N LEU A 363 29.44 -17.96 8.10
CA LEU A 363 28.92 -18.83 7.06
C LEU A 363 27.63 -19.44 7.58
N ILE A 364 26.54 -19.20 6.87
CA ILE A 364 25.20 -19.61 7.27
C ILE A 364 24.67 -20.61 6.26
N ARG A 365 24.10 -21.70 6.76
CA ARG A 365 23.56 -22.75 5.91
C ARG A 365 22.40 -23.39 6.64
N ASP A 366 21.69 -24.26 5.93
CA ASP A 366 20.63 -25.03 6.55
C ASP A 366 21.23 -26.25 7.24
N ASN A 367 20.42 -27.01 7.95
CA ASN A 367 20.92 -28.20 8.62
C ASN A 367 20.73 -29.47 7.82
N ASN A 368 19.96 -29.43 6.73
CA ASN A 368 19.70 -30.60 5.91
C ASN A 368 20.12 -30.45 4.47
N ASN A 369 20.28 -29.23 3.95
CA ASN A 369 20.57 -29.01 2.54
C ASN A 369 21.84 -28.20 2.41
N ALA A 370 22.83 -28.76 1.71
CA ALA A 370 23.97 -27.99 1.23
C ALA A 370 23.73 -27.43 -0.16
N GLU A 371 22.47 -27.20 -0.52
CA GLU A 371 22.16 -26.60 -1.81
C GLU A 371 22.52 -25.12 -1.83
N VAL A 372 22.24 -24.42 -0.73
CA VAL A 372 22.51 -22.99 -0.63
C VAL A 372 23.53 -22.75 0.47
N LEU A 373 24.18 -21.58 0.38
CA LEU A 373 25.17 -21.18 1.36
C LEU A 373 25.23 -19.66 1.36
N TYR A 374 25.44 -19.08 2.55
CA TYR A 374 25.48 -17.63 2.71
C TYR A 374 26.72 -17.21 3.46
N VAL A 375 27.18 -15.99 3.17
CA VAL A 375 28.32 -15.38 3.84
C VAL A 375 27.91 -13.96 4.21
N LEU A 376 28.02 -13.63 5.50
CA LEU A 376 27.61 -12.33 5.99
C LEU A 376 28.74 -11.64 6.76
N MET A 377 29.03 -10.40 6.38
CA MET A 377 29.99 -9.58 7.11
C MET A 377 29.42 -9.25 8.49
N PRO A 378 30.22 -9.40 9.54
CA PRO A 378 29.80 -8.91 10.86
C PRO A 378 29.89 -7.39 10.90
N VAL A 379 29.25 -6.81 11.90
CA VAL A 379 29.28 -5.37 12.11
C VAL A 379 29.75 -5.08 13.52
N ARG A 380 30.08 -3.82 13.76
CA ARG A 380 30.63 -3.39 15.05
C ARG A 380 29.49 -3.22 16.06
N VAL A 381 29.54 -3.99 17.14
CA VAL A 381 28.54 -3.92 18.20
C VAL A 381 29.21 -3.87 19.56
N HIS B 8 7.29 1.52 40.47
CA HIS B 8 6.47 2.72 40.54
C HIS B 8 5.16 2.54 39.77
N MET B 9 5.11 1.56 38.88
CA MET B 9 3.91 1.25 38.10
C MET B 9 4.09 -0.12 37.44
N ARG B 10 3.01 -0.89 37.38
CA ARG B 10 3.08 -2.24 36.82
C ARG B 10 1.70 -2.68 36.36
N ILE B 11 1.60 -3.10 35.08
CA ILE B 11 0.35 -3.59 34.52
C ILE B 11 0.65 -4.75 33.57
N THR B 12 -0.36 -5.61 33.40
CA THR B 12 -0.28 -6.73 32.48
C THR B 12 -1.49 -6.68 31.57
N VAL B 13 -1.24 -6.53 30.26
CA VAL B 13 -2.31 -6.28 29.30
C VAL B 13 -2.25 -7.33 28.20
N ASP B 14 -3.40 -7.58 27.59
CA ASP B 14 -3.44 -8.40 26.39
C ASP B 14 -2.82 -7.62 25.24
N ARG B 15 -1.97 -8.29 24.46
CA ARG B 15 -1.21 -7.60 23.42
C ARG B 15 -2.13 -7.08 22.32
N SER B 16 -3.01 -7.95 21.80
CA SER B 16 -3.87 -7.54 20.70
C SER B 16 -4.84 -6.45 21.13
N GLN B 17 -5.48 -6.61 22.29
CA GLN B 17 -6.36 -5.56 22.79
C GLN B 17 -5.59 -4.27 23.05
N PHE B 18 -4.30 -4.40 23.37
CA PHE B 18 -3.45 -3.24 23.55
C PHE B 18 -2.97 -2.68 22.22
N PHE B 19 -2.76 -3.54 21.23
CA PHE B 19 -2.44 -3.07 19.89
C PHE B 19 -3.62 -2.34 19.28
N LYS B 20 -4.83 -2.86 19.45
CA LYS B 20 -6.03 -2.16 19.02
C LYS B 20 -6.17 -0.83 19.73
N SER B 21 -6.07 -0.84 21.06
CA SER B 21 -6.15 0.38 21.83
C SER B 21 -5.09 1.39 21.40
N LEU B 22 -4.00 0.92 20.81
CA LEU B 22 -2.87 1.78 20.49
C LEU B 22 -2.97 2.38 19.10
N GLY B 23 -3.64 1.70 18.16
CA GLY B 23 -3.84 2.26 16.84
C GLY B 23 -4.78 3.43 16.79
N ARG B 24 -5.66 3.57 17.80
CA ARG B 24 -6.59 4.70 17.81
C ARG B 24 -5.86 6.01 18.06
N VAL B 25 -4.98 6.04 19.05
CA VAL B 25 -4.22 7.26 19.36
C VAL B 25 -2.92 7.31 18.57
N HIS B 26 -2.62 6.29 17.76
CA HIS B 26 -1.36 6.23 17.04
C HIS B 26 -1.17 7.41 16.10
N ARG B 27 -2.23 7.78 15.36
CA ARG B 27 -2.10 8.74 14.27
C ARG B 27 -1.79 10.15 14.74
N VAL B 28 -2.37 10.57 15.87
CA VAL B 28 -2.28 11.99 16.27
C VAL B 28 -0.85 12.42 16.57
N VAL B 29 0.00 11.51 17.05
CA VAL B 29 1.35 11.89 17.44
C VAL B 29 2.12 12.41 16.25
N GLU B 30 2.71 13.61 16.40
CA GLU B 30 3.42 14.26 15.31
C GLU B 30 4.82 13.67 15.21
N ARG B 31 5.02 12.81 14.22
CA ARG B 31 6.33 12.18 14.03
C ARG B 31 7.40 13.22 13.71
N ARG B 32 7.02 14.28 12.99
CA ARG B 32 7.95 15.34 12.62
C ARG B 32 8.13 16.37 13.72
N ASN B 33 7.46 16.22 14.86
CA ASN B 33 7.60 17.19 15.94
C ASN B 33 9.02 17.16 16.49
N THR B 34 9.49 18.34 16.92
CA THR B 34 10.84 18.48 17.44
C THR B 34 10.90 18.29 18.95
N VAL B 35 9.95 18.84 19.69
CA VAL B 35 9.97 18.73 21.15
C VAL B 35 9.78 17.27 21.54
N PRO B 36 10.62 16.72 22.41
CA PRO B 36 10.60 15.26 22.64
C PRO B 36 9.37 14.75 23.36
N ILE B 37 8.72 15.56 24.21
CA ILE B 37 7.56 15.07 24.92
C ILE B 37 6.35 15.00 24.01
N LEU B 38 6.38 15.71 22.88
CA LEU B 38 5.24 15.71 21.97
C LEU B 38 5.23 14.48 21.08
N SER B 39 6.35 13.76 21.00
CA SER B 39 6.38 12.48 20.30
C SER B 39 6.03 11.32 21.22
N ASN B 40 5.99 11.55 22.53
CA ASN B 40 5.65 10.51 23.49
C ASN B 40 4.13 10.40 23.59
N VAL B 41 3.66 9.44 24.38
CA VAL B 41 2.23 9.28 24.65
C VAL B 41 2.05 8.97 26.13
N LEU B 42 1.05 9.59 26.76
CA LEU B 42 0.81 9.40 28.17
C LEU B 42 0.00 8.13 28.40
N ILE B 43 0.37 7.38 29.44
CA ILE B 43 -0.41 6.27 29.95
C ILE B 43 -0.72 6.56 31.40
N ASP B 44 -2.00 6.71 31.72
CA ASP B 44 -2.44 6.89 33.10
C ASP B 44 -3.19 5.65 33.52
N ALA B 45 -2.78 5.07 34.63
CA ALA B 45 -3.32 3.81 35.13
C ALA B 45 -4.01 4.08 36.46
N GLU B 46 -5.33 3.94 36.48
CA GLU B 46 -6.12 4.21 37.67
C GLU B 46 -7.50 3.58 37.52
N ASN B 47 -8.04 3.10 38.64
CA ASN B 47 -9.44 2.68 38.74
C ASN B 47 -9.82 1.64 37.68
N GLY B 48 -9.02 0.59 37.60
CA GLY B 48 -9.36 -0.58 36.79
C GLY B 48 -9.45 -0.38 35.30
N SER B 49 -8.94 0.73 34.77
CA SER B 49 -8.94 0.99 33.34
C SER B 49 -7.67 1.72 32.96
N VAL B 50 -7.18 1.46 31.75
CA VAL B 50 -5.96 2.08 31.23
C VAL B 50 -6.36 3.08 30.15
N GLN B 51 -5.88 4.32 30.28
CA GLN B 51 -6.20 5.40 29.36
C GLN B 51 -4.93 5.84 28.64
N LEU B 52 -4.94 5.74 27.32
CA LEU B 52 -3.89 6.27 26.47
C LEU B 52 -4.30 7.64 25.97
N LYS B 53 -3.35 8.57 25.91
CA LYS B 53 -3.65 9.93 25.48
C LYS B 53 -2.43 10.51 24.78
N ALA B 54 -2.69 11.26 23.69
CA ALA B 54 -1.63 11.92 22.94
C ALA B 54 -2.21 13.11 22.22
N THR B 55 -1.33 14.04 21.82
CA THR B 55 -1.79 15.28 21.23
C THR B 55 -0.74 15.83 20.26
N ASP B 56 -1.21 16.61 19.29
CA ASP B 56 -0.35 17.44 18.44
C ASP B 56 -0.60 18.91 18.70
N LEU B 57 -1.00 19.23 19.94
CA LEU B 57 -1.37 20.57 20.39
C LEU B 57 -2.71 20.98 19.80
N ASP B 58 -2.97 20.62 18.54
CA ASP B 58 -4.24 20.95 17.89
C ASP B 58 -5.32 19.91 18.12
N LEU B 59 -4.95 18.64 18.32
CA LEU B 59 -5.92 17.57 18.56
C LEU B 59 -5.51 16.76 19.78
N GLU B 60 -6.47 16.03 20.35
CA GLU B 60 -6.21 15.12 21.46
C GLU B 60 -7.15 13.94 21.39
N VAL B 61 -6.61 12.73 21.51
CA VAL B 61 -7.38 11.50 21.58
C VAL B 61 -7.04 10.78 22.88
N THR B 62 -8.07 10.29 23.57
CA THR B 62 -7.87 9.41 24.71
C THR B 62 -8.77 8.20 24.53
N GLU B 63 -8.23 7.02 24.84
CA GLU B 63 -8.98 5.78 24.76
C GLU B 63 -8.67 4.93 25.99
N SER B 64 -9.71 4.36 26.58
CA SER B 64 -9.60 3.58 27.81
C SER B 64 -10.17 2.19 27.62
N PHE B 65 -9.46 1.19 28.13
CA PHE B 65 -9.94 -0.18 28.17
C PHE B 65 -9.70 -0.76 29.56
N THR B 66 -10.58 -1.68 29.95
CA THR B 66 -10.58 -2.23 31.30
C THR B 66 -9.50 -3.30 31.41
N VAL B 67 -8.65 -3.19 32.43
CA VAL B 67 -7.58 -4.15 32.65
C VAL B 67 -7.47 -4.45 34.14
N ASN B 68 -7.05 -5.66 34.47
CA ASN B 68 -6.70 -6.01 35.84
C ASN B 68 -5.32 -5.44 36.11
N ILE B 69 -5.21 -4.56 37.09
CA ILE B 69 -4.08 -3.66 37.23
C ILE B 69 -3.30 -3.98 38.50
N GLU B 70 -2.02 -4.34 38.33
CA GLU B 70 -1.20 -4.69 39.48
C GLU B 70 -0.73 -3.46 40.24
N LYS B 71 -0.34 -2.39 39.54
CA LYS B 71 0.11 -1.18 40.19
C LYS B 71 -0.25 0.04 39.34
N ALA B 72 -0.64 1.12 40.02
CA ALA B 72 -1.07 2.35 39.37
C ALA B 72 0.08 3.35 39.27
N GLY B 73 0.09 4.11 38.18
CA GLY B 73 1.17 5.04 37.92
C GLY B 73 1.12 5.49 36.47
N ALA B 74 2.07 6.36 36.12
CA ALA B 74 2.03 6.98 34.81
C ALA B 74 3.43 7.30 34.30
N ILE B 75 3.57 7.24 32.97
CA ILE B 75 4.83 7.54 32.29
C ILE B 75 4.49 7.86 30.84
N THR B 76 5.36 8.62 30.18
CA THR B 76 5.17 8.99 28.78
C THR B 76 6.24 8.31 27.94
N VAL B 77 5.81 7.57 26.91
CA VAL B 77 6.69 6.74 26.13
C VAL B 77 6.53 7.09 24.66
N PRO B 78 7.60 7.16 23.87
CA PRO B 78 7.45 7.35 22.42
C PRO B 78 6.45 6.39 21.80
N ALA B 79 5.72 6.86 20.78
CA ALA B 79 4.54 6.18 20.28
C ALA B 79 4.84 5.24 19.10
N TYR B 80 5.47 5.74 18.04
CA TYR B 80 5.73 4.91 16.87
C TYR B 80 6.63 3.74 17.23
N LEU B 81 7.65 3.98 18.05
CA LEU B 81 8.50 2.90 18.53
C LEU B 81 7.67 1.84 19.23
N LEU B 82 6.76 2.27 20.10
CA LEU B 82 5.93 1.32 20.85
C LEU B 82 4.88 0.66 19.97
N TYR B 83 4.26 1.42 19.07
CA TYR B 83 3.32 0.82 18.13
C TYR B 83 4.01 -0.23 17.26
N ASP B 84 5.20 0.08 16.75
CA ASP B 84 5.92 -0.88 15.92
C ASP B 84 6.36 -2.09 16.73
N ILE B 85 6.65 -1.90 18.02
CA ILE B 85 7.06 -3.00 18.88
C ILE B 85 5.89 -3.95 19.14
N VAL B 86 4.74 -3.40 19.55
CA VAL B 86 3.60 -4.24 19.91
C VAL B 86 3.05 -4.98 18.70
N ARG B 87 3.13 -4.37 17.51
CA ARG B 87 2.70 -5.05 16.29
C ARG B 87 3.44 -6.37 16.12
N LYS B 88 4.74 -6.41 16.40
CA LYS B 88 5.56 -7.59 16.16
C LYS B 88 5.52 -8.61 17.28
N LEU B 89 5.00 -8.26 18.45
CA LEU B 89 4.90 -9.23 19.53
C LEU B 89 3.79 -10.23 19.24
N PRO B 90 3.96 -11.50 19.62
CA PRO B 90 2.98 -12.52 19.26
C PRO B 90 1.59 -12.15 19.74
N ASP B 91 0.60 -12.43 18.89
CA ASP B 91 -0.78 -12.07 19.18
C ASP B 91 -1.27 -12.82 20.41
N GLY B 92 -2.20 -12.18 21.13
CA GLY B 92 -2.80 -12.75 22.31
C GLY B 92 -1.88 -12.88 23.51
N SER B 93 -0.58 -12.60 23.35
CA SER B 93 0.32 -12.68 24.48
C SER B 93 -0.02 -11.63 25.53
N GLU B 94 0.63 -11.73 26.68
CA GLU B 94 0.46 -10.77 27.75
C GLU B 94 1.76 -10.02 27.95
N ILE B 95 1.67 -8.70 28.06
CA ILE B 95 2.84 -7.84 28.15
C ILE B 95 2.86 -7.21 29.55
N VAL B 96 4.06 -7.10 30.11
CA VAL B 96 4.26 -6.57 31.46
C VAL B 96 5.08 -5.29 31.33
N LEU B 97 4.52 -4.19 31.83
CA LEU B 97 5.04 -2.84 31.62
C LEU B 97 5.37 -2.22 32.97
N SER B 98 6.64 -1.83 33.17
CA SER B 98 7.14 -1.53 34.51
C SER B 98 7.99 -0.26 34.52
N VAL B 99 7.99 0.41 35.68
CA VAL B 99 8.87 1.52 35.98
C VAL B 99 9.65 1.16 37.23
N ASP B 100 10.69 1.94 37.52
CA ASP B 100 11.49 1.71 38.72
C ASP B 100 11.92 3.02 39.36
N ALA B 104 11.13 7.87 37.08
CA ALA B 104 10.50 8.13 35.79
C ALA B 104 11.53 8.06 34.66
N SER B 105 11.05 8.23 33.43
CA SER B 105 11.85 8.19 32.22
C SER B 105 12.61 6.86 32.05
N ALA B 106 12.17 5.80 32.72
CA ALA B 106 12.75 4.47 32.54
C ALA B 106 11.62 3.45 32.62
N MET B 107 11.23 2.89 31.48
CA MET B 107 10.14 1.92 31.41
C MET B 107 10.66 0.55 31.01
N SER B 108 10.23 -0.48 31.71
CA SER B 108 10.62 -1.85 31.43
C SER B 108 9.45 -2.59 30.80
N ILE B 109 9.73 -3.33 29.73
CA ILE B 109 8.74 -4.15 29.04
C ILE B 109 9.20 -5.61 29.08
N VAL B 110 8.27 -6.53 29.32
CA VAL B 110 8.59 -7.94 29.44
C VAL B 110 7.52 -8.75 28.70
N SER B 111 7.95 -9.50 27.67
CA SER B 111 7.08 -10.47 27.03
C SER B 111 7.91 -11.73 26.83
N GLY B 112 7.69 -12.74 27.67
CA GLY B 112 8.52 -13.92 27.61
C GLY B 112 9.95 -13.58 27.97
N CYS B 113 10.88 -14.08 27.17
CA CYS B 113 12.29 -13.77 27.35
C CYS B 113 12.68 -12.45 26.69
N THR B 114 11.74 -11.79 26.03
CA THR B 114 12.00 -10.46 25.47
C THR B 114 11.92 -9.41 26.57
N HIS B 115 12.85 -8.46 26.54
CA HIS B 115 12.92 -7.43 27.56
CA HIS B 115 12.92 -7.43 27.56
C HIS B 115 13.37 -6.13 26.92
N PHE B 116 12.58 -5.08 27.09
CA PHE B 116 12.91 -3.75 26.61
C PHE B 116 13.12 -2.79 27.78
N GLN B 117 13.75 -1.66 27.47
CA GLN B 117 13.94 -0.59 28.44
C GLN B 117 14.02 0.69 27.63
N LEU B 118 12.97 1.51 27.71
CA LEU B 118 12.79 2.64 26.82
C LEU B 118 13.07 3.96 27.53
N GLN B 119 13.48 4.97 26.74
CA GLN B 119 13.68 6.31 27.27
C GLN B 119 12.35 7.04 27.28
N CYS B 120 11.98 7.56 28.45
CA CYS B 120 10.66 8.15 28.64
C CYS B 120 10.76 9.54 29.23
N LEU B 121 9.62 10.10 29.61
CA LEU B 121 9.52 11.36 30.30
C LEU B 121 8.38 11.21 31.27
N PRO B 122 8.48 11.78 32.47
CA PRO B 122 7.41 11.60 33.45
C PRO B 122 6.11 12.25 32.98
N LYS B 123 5.02 11.84 33.60
CA LYS B 123 3.71 12.38 33.23
C LYS B 123 3.63 13.88 33.48
N ILE B 124 4.29 14.35 34.55
CA ILE B 124 4.18 15.76 34.95
C ILE B 124 4.57 16.68 33.81
N ASP B 125 5.39 16.20 32.88
CA ASP B 125 5.80 16.98 31.72
C ASP B 125 4.78 16.96 30.60
N PHE B 126 3.62 16.34 30.80
CA PHE B 126 2.68 16.26 29.69
C PHE B 126 1.64 17.37 29.78
N PRO B 127 1.26 17.95 28.64
CA PRO B 127 0.27 19.03 28.65
C PRO B 127 -1.09 18.53 29.10
N GLU B 128 -1.89 19.46 29.61
CA GLU B 128 -3.26 19.15 30.03
C GLU B 128 -4.27 19.85 29.13
N GLN B 133 -14.68 24.12 30.11
CA GLN B 133 -16.10 24.01 30.44
C GLN B 133 -16.93 23.93 29.17
N PHE B 134 -17.81 22.94 29.08
CA PHE B 134 -18.60 22.70 27.88
C PHE B 134 -20.04 23.12 28.15
N GLY B 135 -20.44 24.25 27.56
CA GLY B 135 -21.80 24.72 27.73
C GLY B 135 -22.81 23.84 27.02
N CYS B 136 -22.50 23.42 25.80
CA CYS B 136 -23.41 22.60 25.02
C CYS B 136 -23.06 21.13 25.18
N ARG B 137 -24.08 20.30 25.06
CA ARG B 137 -23.90 18.85 25.12
C ARG B 137 -25.14 18.17 24.57
N PHE B 138 -24.94 17.24 23.64
CA PHE B 138 -26.02 16.49 23.03
C PHE B 138 -25.43 15.23 22.43
N PHE B 139 -26.30 14.40 21.84
CA PHE B 139 -25.91 13.06 21.40
C PHE B 139 -26.37 12.81 19.97
N LEU B 140 -25.63 11.94 19.29
CA LEU B 140 -25.88 11.61 17.89
C LEU B 140 -25.42 10.18 17.64
N SER B 141 -26.17 9.46 16.81
CA SER B 141 -25.81 8.09 16.46
C SER B 141 -24.50 8.07 15.70
N ALA B 142 -23.66 7.08 16.00
CA ALA B 142 -22.33 7.02 15.39
C ALA B 142 -22.42 6.89 13.87
N SER B 143 -23.39 6.12 13.38
CA SER B 143 -23.54 5.95 11.94
C SER B 143 -23.97 7.26 11.27
N LYS B 144 -24.97 7.92 11.84
CA LYS B 144 -25.45 9.17 11.24
C LYS B 144 -24.36 10.23 11.22
N LEU B 145 -23.54 10.28 12.27
CA LEU B 145 -22.48 11.27 12.33
C LEU B 145 -21.48 11.08 11.19
N LYS B 146 -20.94 9.86 11.04
CA LYS B 146 -19.96 9.60 9.98
C LYS B 146 -20.58 9.83 8.61
N HIS B 147 -21.87 9.56 8.47
CA HIS B 147 -22.56 9.82 7.21
C HIS B 147 -22.49 11.29 6.84
N LEU B 148 -22.65 12.18 7.82
CA LEU B 148 -22.63 13.61 7.52
C LEU B 148 -21.26 14.07 7.02
N LEU B 149 -20.18 13.52 7.59
CA LEU B 149 -18.85 13.98 7.17
C LEU B 149 -18.41 13.37 5.85
N ASP B 150 -18.71 12.09 5.61
CA ASP B 150 -18.31 11.47 4.36
C ASP B 150 -18.94 12.19 3.18
N CYS B 151 -20.12 12.79 3.39
CA CYS B 151 -20.74 13.63 2.37
C CYS B 151 -19.98 14.92 2.15
N THR B 152 -19.16 15.33 3.11
CA THR B 152 -18.53 16.65 3.09
C THR B 152 -17.01 16.61 2.97
N GLN B 153 -16.37 15.52 3.39
CA GLN B 153 -14.92 15.50 3.53
C GLN B 153 -14.20 15.84 2.23
N PHE B 154 -14.70 15.34 1.11
CA PHE B 154 -14.03 15.52 -0.17
C PHE B 154 -14.27 16.90 -0.78
N ALA B 155 -15.11 17.74 -0.17
CA ALA B 155 -15.42 19.05 -0.75
C ALA B 155 -14.64 20.18 -0.08
N ASN B 166 -9.02 23.92 4.92
CA ASN B 166 -9.35 24.79 6.04
C ASN B 166 -10.27 24.10 7.02
N GLY B 167 -11.57 24.11 6.74
CA GLY B 167 -12.52 23.50 7.65
C GLY B 167 -13.93 23.52 7.08
N ILE B 168 -14.86 22.99 7.89
CA ILE B 168 -16.27 22.94 7.53
C ILE B 168 -17.12 23.59 8.62
N TYR B 169 -18.19 24.27 8.21
CA TYR B 169 -19.05 25.05 9.10
C TYR B 169 -20.11 24.18 9.76
N PHE B 170 -20.18 24.26 11.09
CA PHE B 170 -21.07 23.45 11.91
C PHE B 170 -22.11 24.35 12.57
N HIS B 171 -23.37 24.23 12.17
CA HIS B 171 -24.41 25.12 12.68
C HIS B 171 -25.78 24.47 12.50
N ILE B 172 -26.80 25.13 13.02
CA ILE B 172 -28.20 24.72 12.89
C ILE B 172 -28.95 25.82 12.17
N VAL B 173 -29.96 25.42 11.41
CA VAL B 173 -30.85 26.36 10.74
C VAL B 173 -32.22 26.21 11.37
N HIS B 174 -32.81 27.34 11.78
CA HIS B 174 -34.09 27.35 12.47
C HIS B 174 -35.17 27.46 11.40
N ASP B 175 -35.72 26.32 11.01
CA ASP B 175 -36.64 26.22 9.90
C ASP B 175 -37.97 25.66 10.36
N ASP B 176 -38.53 26.24 11.44
CA ASP B 176 -39.65 25.66 12.18
C ASP B 176 -39.25 24.32 12.77
N VAL B 177 -38.74 23.42 11.92
CA VAL B 177 -38.08 22.20 12.35
C VAL B 177 -36.59 22.46 12.33
N LEU B 178 -35.96 22.41 13.50
CA LEU B 178 -34.51 22.60 13.58
C LEU B 178 -33.81 21.59 12.68
N LYS B 179 -32.85 22.08 11.89
CA LYS B 179 -32.07 21.22 11.02
C LYS B 179 -30.60 21.42 11.32
N LEU B 180 -29.96 20.38 11.83
CA LEU B 180 -28.52 20.39 12.01
C LEU B 180 -27.86 20.27 10.64
N ARG B 181 -27.02 21.25 10.30
CA ARG B 181 -26.50 21.37 8.94
C ARG B 181 -24.99 21.44 8.95
N LEU B 182 -24.37 20.77 7.99
CA LEU B 182 -22.95 20.87 7.73
C LEU B 182 -22.73 21.50 6.36
N VAL B 183 -21.76 22.42 6.28
CA VAL B 183 -21.47 23.13 5.05
C VAL B 183 -19.97 23.22 4.86
N ALA B 184 -19.50 22.84 3.67
CA ALA B 184 -18.13 23.08 3.24
C ALA B 184 -18.18 23.56 1.80
N THR B 185 -17.42 24.61 1.48
CA THR B 185 -17.48 25.17 0.15
C THR B 185 -16.12 25.74 -0.25
N ASP B 186 -15.94 25.85 -1.57
CA ASP B 186 -14.74 26.40 -2.19
C ASP B 186 -15.26 27.42 -3.19
N GLY B 187 -15.42 28.67 -2.73
CA GLY B 187 -16.04 29.69 -3.55
C GLY B 187 -17.46 29.32 -3.90
N HIS B 188 -17.64 28.75 -5.09
CA HIS B 188 -18.95 28.28 -5.52
C HIS B 188 -19.12 26.77 -5.36
N ARG B 189 -18.04 26.00 -5.55
CA ARG B 189 -18.09 24.57 -5.24
C ARG B 189 -18.44 24.41 -3.76
N LEU B 190 -19.46 23.61 -3.47
CA LEU B 190 -20.02 23.58 -2.13
C LEU B 190 -20.62 22.20 -1.83
N ALA B 191 -20.70 21.90 -0.53
CA ALA B 191 -21.35 20.68 -0.04
C ALA B 191 -22.17 20.99 1.21
N GLN B 192 -23.45 20.62 1.20
CA GLN B 192 -24.38 20.90 2.29
C GLN B 192 -25.17 19.64 2.64
N VAL B 193 -25.27 19.33 3.93
CA VAL B 193 -26.04 18.18 4.39
C VAL B 193 -26.83 18.58 5.65
N ASP B 194 -28.11 18.23 5.68
CA ASP B 194 -29.00 18.57 6.79
C ASP B 194 -29.51 17.31 7.48
N MET B 195 -29.89 17.47 8.74
CA MET B 195 -30.43 16.38 9.53
C MET B 195 -31.32 16.94 10.63
N GLU B 196 -32.34 16.16 11.01
CA GLU B 196 -33.22 16.53 12.10
C GLU B 196 -32.43 16.66 13.40
N ALA B 197 -32.52 17.82 14.04
CA ALA B 197 -31.70 18.12 15.19
C ALA B 197 -32.17 17.36 16.44
N PRO B 198 -31.24 16.98 17.32
CA PRO B 198 -31.59 16.22 18.53
C PRO B 198 -31.83 17.10 19.75
N SER B 199 -32.12 16.48 20.88
CA SER B 199 -32.28 17.22 22.13
C SER B 199 -30.97 17.87 22.54
N GLY B 200 -31.06 19.04 23.16
CA GLY B 200 -29.90 19.74 23.67
C GLY B 200 -29.16 20.60 22.66
N VAL B 201 -29.65 20.71 21.43
CA VAL B 201 -28.97 21.51 20.43
C VAL B 201 -29.35 22.99 20.53
N ASP B 202 -30.57 23.30 20.98
CA ASP B 202 -31.03 24.68 21.04
C ASP B 202 -30.06 25.52 21.85
N GLY B 203 -29.52 26.55 21.22
CA GLY B 203 -28.51 27.39 21.81
C GLY B 203 -27.10 27.12 21.32
N MET B 204 -26.85 25.97 20.70
CA MET B 204 -25.53 25.73 20.11
C MET B 204 -25.33 26.69 18.95
N PRO B 205 -24.18 27.34 18.83
CA PRO B 205 -23.99 28.32 17.76
C PRO B 205 -23.46 27.72 16.47
N GLY B 206 -22.63 28.51 15.78
CA GLY B 206 -21.98 28.06 14.56
C GLY B 206 -20.47 28.15 14.63
N VAL B 207 -19.79 27.03 14.43
CA VAL B 207 -18.34 26.96 14.59
C VAL B 207 -17.73 26.30 13.36
N ILE B 208 -16.43 26.50 13.18
CA ILE B 208 -15.68 25.95 12.06
C ILE B 208 -14.65 24.95 12.59
N ILE B 209 -14.67 23.75 12.02
CA ILE B 209 -13.84 22.64 12.48
C ILE B 209 -12.69 22.46 11.50
N PRO B 210 -11.44 22.47 11.94
CA PRO B 210 -10.32 22.31 11.01
C PRO B 210 -10.44 21.02 10.22
N ARG B 211 -9.99 21.06 8.96
CA ARG B 211 -9.99 19.86 8.14
C ARG B 211 -9.13 18.78 8.77
N LYS B 212 -8.10 19.20 9.51
CA LYS B 212 -7.26 18.28 10.27
C LYS B 212 -8.10 17.40 11.19
N ALA B 213 -9.05 18.01 11.91
CA ALA B 213 -9.87 17.28 12.87
C ALA B 213 -10.87 16.36 12.18
N VAL B 214 -11.37 16.75 11.01
CA VAL B 214 -12.40 15.96 10.34
C VAL B 214 -11.85 14.62 9.90
N GLY B 215 -10.71 14.62 9.22
CA GLY B 215 -10.13 13.37 8.75
C GLY B 215 -9.80 12.42 9.88
N GLU B 216 -9.16 12.94 10.93
CA GLU B 216 -8.84 12.12 12.10
C GLU B 216 -10.09 11.60 12.77
N LEU B 217 -11.19 12.36 12.70
CA LEU B 217 -12.44 11.92 13.31
C LEU B 217 -13.11 10.82 12.49
N GLN B 218 -13.07 10.92 11.15
CA GLN B 218 -13.70 9.89 10.33
C GLN B 218 -12.99 8.55 10.47
N LYS B 219 -11.68 8.56 10.72
CA LYS B 219 -10.97 7.31 10.99
C LYS B 219 -11.41 6.69 12.31
N LEU B 220 -11.61 7.51 13.34
CA LEU B 220 -11.99 6.98 14.65
C LEU B 220 -13.36 6.31 14.62
N LEU B 221 -14.29 6.80 13.80
CA LEU B 221 -15.60 6.16 13.71
C LEU B 221 -15.61 4.93 12.83
N SER B 222 -14.64 4.79 11.92
CA SER B 222 -14.55 3.57 11.12
C SER B 222 -14.11 2.37 11.96
N GLU B 223 -13.33 2.61 13.01
CA GLU B 223 -12.75 1.54 13.82
C GLU B 223 -13.53 1.26 15.09
N GLU B 224 -14.79 1.70 15.16
CA GLU B 224 -15.62 1.42 16.33
C GLU B 224 -17.01 0.98 15.89
N ILE B 225 -17.68 0.23 16.77
CA ILE B 225 -19.04 -0.20 16.50
C ILE B 225 -19.99 0.98 16.60
N ASP B 226 -21.16 0.82 16.00
CA ASP B 226 -22.19 1.85 16.04
C ASP B 226 -22.61 2.10 17.49
N GLY B 227 -22.82 3.36 17.80
CA GLY B 227 -23.26 3.72 19.13
C GLY B 227 -23.76 5.14 19.16
N ASP B 228 -23.83 5.69 20.37
CA ASP B 228 -24.22 7.08 20.58
C ASP B 228 -22.97 7.89 20.88
N VAL B 229 -22.87 9.08 20.28
CA VAL B 229 -21.70 9.93 20.38
C VAL B 229 -22.08 11.21 21.12
N CYS B 230 -21.36 11.51 22.20
CA CYS B 230 -21.62 12.70 23.00
C CYS B 230 -20.78 13.85 22.47
N ILE B 231 -21.44 14.83 21.87
CA ILE B 231 -20.80 16.03 21.37
C ILE B 231 -20.94 17.12 22.42
N GLU B 232 -19.82 17.63 22.91
CA GLU B 232 -19.78 18.71 23.88
C GLU B 232 -19.01 19.86 23.25
N LEU B 233 -19.64 21.03 23.20
CA LEU B 233 -19.01 22.18 22.57
C LEU B 233 -18.97 23.34 23.56
N SER B 234 -17.79 23.92 23.71
CA SER B 234 -17.50 24.99 24.63
C SER B 234 -17.43 26.33 23.87
N GLU B 235 -16.83 27.33 24.47
CA GLU B 235 -16.63 28.58 23.74
C GLU B 235 -15.59 28.40 22.63
N THR B 236 -14.51 27.65 22.91
CA THR B 236 -13.39 27.55 22.00
C THR B 236 -13.13 26.15 21.47
N LYS B 237 -13.63 25.09 22.10
CA LYS B 237 -13.29 23.73 21.71
C LYS B 237 -14.56 22.89 21.62
N ILE B 238 -14.44 21.76 20.93
CA ILE B 238 -15.51 20.78 20.80
C ILE B 238 -14.93 19.40 21.04
N ARG B 239 -15.67 18.56 21.77
CA ARG B 239 -15.18 17.25 22.19
C ARG B 239 -16.16 16.17 21.78
N PHE B 240 -15.62 15.03 21.33
CA PHE B 240 -16.43 13.90 20.90
C PHE B 240 -16.04 12.68 21.73
N SER B 241 -16.99 12.18 22.52
CA SER B 241 -16.79 10.98 23.31
C SER B 241 -17.58 9.87 22.63
N LEU B 242 -16.89 8.82 22.20
CA LEU B 242 -17.49 7.70 21.48
C LEU B 242 -17.32 6.39 22.25
N GLY B 243 -17.52 6.46 23.55
CA GLY B 243 -17.34 5.28 24.41
C GLY B 243 -15.93 5.20 24.96
N SER B 244 -15.11 4.30 24.42
CA SER B 244 -13.73 4.20 24.83
C SER B 244 -12.96 5.47 24.45
N VAL B 245 -13.28 6.05 23.33
CA VAL B 245 -12.49 7.11 22.73
C VAL B 245 -13.02 8.46 23.18
N VAL B 246 -12.11 9.43 23.33
CA VAL B 246 -12.48 10.82 23.59
C VAL B 246 -11.61 11.69 22.69
N PHE B 247 -12.22 12.38 21.74
CA PHE B 247 -11.54 13.21 20.77
C PHE B 247 -11.90 14.68 20.99
N THR B 248 -10.90 15.55 20.96
CA THR B 248 -11.09 16.97 21.21
C THR B 248 -10.25 17.78 20.23
N SER B 249 -10.80 18.89 19.75
CA SER B 249 -10.15 19.68 18.71
C SER B 249 -10.37 21.17 18.93
N LYS B 250 -9.37 21.96 18.54
CA LYS B 250 -9.54 23.40 18.48
C LYS B 250 -10.49 23.78 17.35
N LEU B 251 -10.87 25.05 17.33
CA LEU B 251 -11.75 25.58 16.29
C LEU B 251 -11.00 26.64 15.49
N VAL B 252 -11.48 26.89 14.28
CA VAL B 252 -10.81 27.80 13.38
C VAL B 252 -11.26 29.24 13.67
N ASP B 253 -10.31 30.16 13.61
CA ASP B 253 -10.60 31.60 13.72
C ASP B 253 -10.86 32.15 12.32
N GLY B 254 -12.06 32.66 12.11
CA GLY B 254 -12.38 33.33 10.88
C GLY B 254 -13.88 33.37 10.67
N THR B 255 -14.28 33.73 9.46
CA THR B 255 -15.69 33.83 9.11
C THR B 255 -16.02 32.98 7.90
N PHE B 256 -17.16 32.34 7.95
CA PHE B 256 -17.67 31.53 6.86
C PHE B 256 -18.70 32.34 6.09
N PRO B 257 -18.61 32.45 4.78
CA PRO B 257 -19.60 33.24 4.05
C PRO B 257 -20.91 32.49 3.81
N ASP B 258 -21.97 32.92 4.52
CA ASP B 258 -23.29 33.14 3.94
C ASP B 258 -23.54 32.33 2.66
N TYR B 259 -23.22 31.04 2.72
CA TYR B 259 -23.21 30.17 1.56
C TYR B 259 -24.50 30.18 0.76
N GLN B 260 -25.62 30.68 1.32
CA GLN B 260 -26.84 30.72 0.54
C GLN B 260 -26.68 31.60 -0.70
N ARG B 261 -25.72 32.52 -0.67
CA ARG B 261 -25.37 33.29 -1.85
C ARG B 261 -24.76 32.40 -2.93
N VAL B 262 -24.09 31.33 -2.51
CA VAL B 262 -23.35 30.49 -3.45
C VAL B 262 -24.24 29.45 -4.13
N ILE B 263 -25.36 29.09 -3.51
CA ILE B 263 -26.24 28.06 -4.06
C ILE B 263 -27.10 28.67 -5.17
N PRO B 264 -27.17 28.06 -6.36
CA PRO B 264 -28.00 28.63 -7.43
C PRO B 264 -29.48 28.58 -7.08
N LEU B 265 -30.20 29.60 -7.53
CA LEU B 265 -31.61 29.77 -7.19
C LEU B 265 -32.55 29.28 -8.28
N GLY B 266 -32.35 29.73 -9.51
CA GLY B 266 -33.21 29.31 -10.59
C GLY B 266 -32.50 28.55 -11.67
N ASN B 267 -32.22 27.27 -11.43
CA ASN B 267 -31.67 26.39 -12.45
C ASN B 267 -32.83 25.62 -13.07
N ASP B 268 -33.08 25.89 -14.35
CA ASP B 268 -34.31 25.46 -15.00
C ASP B 268 -34.26 24.00 -15.42
N ARG B 269 -33.18 23.59 -16.06
CA ARG B 269 -33.12 22.28 -16.70
C ARG B 269 -32.75 21.20 -15.68
N LYS B 270 -33.54 20.13 -15.65
CA LYS B 270 -33.37 19.04 -14.69
C LYS B 270 -33.09 17.75 -15.43
N LEU B 271 -32.07 17.01 -14.98
CA LEU B 271 -31.61 15.79 -15.61
C LEU B 271 -31.42 14.70 -14.56
N ILE B 272 -31.89 13.48 -14.88
CA ILE B 272 -31.80 12.35 -13.97
C ILE B 272 -31.13 11.19 -14.68
N VAL B 273 -30.21 10.50 -13.98
CA VAL B 273 -29.48 9.36 -14.52
C VAL B 273 -29.25 8.34 -13.41
N ASN B 274 -29.04 7.09 -13.83
CA ASN B 274 -28.67 6.03 -12.90
C ASN B 274 -27.32 6.36 -12.26
N ARG B 275 -27.27 6.29 -10.93
CA ARG B 275 -26.07 6.71 -10.21
C ARG B 275 -24.89 5.80 -10.52
N GLN B 276 -25.07 4.48 -10.46
CA GLN B 276 -23.94 3.57 -10.68
C GLN B 276 -23.58 3.44 -12.15
N ASP B 277 -24.57 3.47 -13.05
CA ASP B 277 -24.24 3.51 -14.47
C ASP B 277 -23.46 4.78 -14.80
N PHE B 278 -23.74 5.85 -14.06
CA PHE B 278 -23.10 7.14 -14.31
C PHE B 278 -21.68 7.17 -13.78
N SER B 279 -21.49 6.73 -12.54
CA SER B 279 -20.14 6.62 -11.99
C SER B 279 -19.26 5.75 -12.87
N SER B 280 -19.72 4.54 -13.18
CA SER B 280 -18.93 3.62 -14.00
C SER B 280 -18.63 4.21 -15.37
N ALA B 281 -19.62 4.81 -16.01
CA ALA B 281 -19.40 5.39 -17.34
C ALA B 281 -18.43 6.55 -17.26
N VAL B 282 -18.60 7.43 -16.27
CA VAL B 282 -17.66 8.52 -16.07
C VAL B 282 -16.28 7.97 -15.70
N ASP B 283 -16.25 6.91 -14.90
CA ASP B 283 -14.97 6.30 -14.55
C ASP B 283 -14.26 5.77 -15.79
N ARG B 284 -15.00 5.16 -16.72
CA ARG B 284 -14.37 4.52 -17.85
C ARG B 284 -13.83 5.55 -18.83
N VAL B 285 -14.61 6.59 -19.14
CA VAL B 285 -14.16 7.59 -20.10
C VAL B 285 -13.08 8.48 -19.49
N SER B 286 -13.02 8.59 -18.15
CA SER B 286 -12.02 9.42 -17.50
C SER B 286 -10.66 8.76 -17.44
N THR B 287 -10.53 7.52 -17.91
CA THR B 287 -9.24 6.86 -17.91
C THR B 287 -8.26 7.55 -18.85
N ILE B 288 -8.77 8.28 -19.84
CA ILE B 288 -7.93 8.99 -20.79
C ILE B 288 -7.50 10.33 -20.21
N ARG B 294 -8.87 16.42 -17.09
CA ARG B 294 -9.80 15.78 -16.17
C ARG B 294 -11.25 16.16 -16.49
N ALA B 295 -11.42 17.15 -17.36
CA ALA B 295 -12.75 17.57 -17.78
C ALA B 295 -13.37 16.57 -18.74
N VAL B 296 -14.68 16.36 -18.60
CA VAL B 296 -15.46 15.52 -19.52
C VAL B 296 -16.66 16.34 -19.98
N LYS B 297 -17.00 16.21 -21.26
CA LYS B 297 -18.09 16.96 -21.86
C LYS B 297 -19.37 16.13 -21.87
N LEU B 298 -20.44 16.71 -21.34
CA LEU B 298 -21.74 16.07 -21.30
C LEU B 298 -22.61 16.69 -22.38
N THR B 299 -22.86 15.96 -23.45
CA THR B 299 -23.79 16.41 -24.47
C THR B 299 -25.16 15.85 -24.10
N ILE B 300 -26.09 16.75 -23.76
CA ILE B 300 -27.39 16.37 -23.23
C ILE B 300 -28.43 16.69 -24.28
N GLU B 301 -29.18 15.68 -24.68
CA GLU B 301 -30.29 15.82 -25.61
C GLU B 301 -31.55 15.25 -24.97
N HIS B 302 -32.63 15.22 -25.74
CA HIS B 302 -33.90 14.70 -25.23
C HIS B 302 -33.78 13.21 -25.06
N GLY B 303 -33.75 12.75 -23.80
CA GLY B 303 -33.63 11.33 -23.54
C GLY B 303 -32.32 10.72 -23.97
N GLN B 304 -31.26 11.52 -24.10
CA GLN B 304 -29.96 10.99 -24.49
C GLN B 304 -28.86 11.80 -23.82
N LEU B 305 -27.75 11.13 -23.55
CA LEU B 305 -26.60 11.76 -22.88
C LEU B 305 -25.34 11.07 -23.36
N LYS B 306 -24.51 11.79 -24.10
CA LYS B 306 -23.23 11.27 -24.56
C LYS B 306 -22.12 11.83 -23.69
N LEU B 307 -21.21 10.97 -23.25
CA LEU B 307 -20.05 11.37 -22.47
C LEU B 307 -18.82 11.34 -23.35
N VAL B 308 -18.01 12.40 -23.24
CA VAL B 308 -16.88 12.59 -24.14
C VAL B 308 -15.73 13.18 -23.33
N VAL B 309 -14.62 12.45 -23.27
CA VAL B 309 -13.35 12.97 -22.75
C VAL B 309 -12.39 13.07 -23.91
N ASN B 310 -11.65 14.16 -23.97
CA ASN B 310 -10.69 14.41 -25.04
C ASN B 310 -9.30 14.63 -24.46
N ASN B 311 -8.29 14.26 -25.25
CA ASN B 311 -6.91 14.45 -24.88
C ASN B 311 -6.08 14.59 -26.15
N PRO B 312 -5.59 15.78 -26.47
CA PRO B 312 -4.82 15.95 -27.71
C PRO B 312 -3.57 15.10 -27.77
N ASP B 313 -2.96 14.82 -26.62
CA ASP B 313 -1.76 14.00 -26.56
C ASP B 313 -2.05 12.52 -26.41
N SER B 314 -3.30 12.15 -26.18
CA SER B 314 -3.66 10.76 -25.93
C SER B 314 -4.80 10.27 -26.81
N GLY B 315 -5.77 11.14 -27.10
CA GLY B 315 -6.92 10.74 -27.90
C GLY B 315 -8.25 11.06 -27.26
N SER B 316 -9.28 10.31 -27.60
CA SER B 316 -10.65 10.63 -27.22
C SER B 316 -11.34 9.40 -26.63
N ALA B 317 -12.35 9.66 -25.81
CA ALA B 317 -13.21 8.63 -25.28
C ALA B 317 -14.66 9.05 -25.46
N GLU B 318 -15.55 8.06 -25.50
CA GLU B 318 -16.95 8.33 -25.75
C GLU B 318 -17.78 7.31 -24.98
N ASP B 319 -18.91 7.76 -24.46
CA ASP B 319 -19.89 6.86 -23.89
C ASP B 319 -21.25 7.49 -24.02
N GLN B 320 -22.28 6.67 -23.82
CA GLN B 320 -23.66 7.10 -23.91
C GLN B 320 -24.41 6.42 -22.78
N LEU B 321 -25.31 7.15 -22.12
CA LEU B 321 -26.12 6.57 -21.06
C LEU B 321 -27.55 7.04 -21.20
N ALA B 322 -28.44 6.36 -20.50
CA ALA B 322 -29.86 6.69 -20.53
C ALA B 322 -30.13 7.79 -19.52
N ALA B 323 -30.79 8.86 -19.97
CA ALA B 323 -31.04 10.02 -19.15
C ALA B 323 -32.52 10.36 -19.17
N THR B 324 -32.95 11.07 -18.13
CA THR B 324 -34.29 11.64 -18.04
C THR B 324 -34.14 13.14 -18.25
N TYR B 325 -34.23 13.57 -19.51
CA TYR B 325 -34.01 14.95 -19.87
C TYR B 325 -35.07 15.38 -20.88
N THR B 326 -35.78 16.45 -20.56
CA THR B 326 -36.81 16.98 -21.45
C THR B 326 -36.67 18.48 -21.64
N SER B 327 -35.54 19.07 -21.27
CA SER B 327 -35.33 20.50 -21.36
C SER B 327 -34.57 20.82 -22.64
N GLU B 328 -34.12 22.07 -22.77
CA GLU B 328 -33.37 22.44 -23.95
C GLU B 328 -32.03 21.70 -23.94
N PRO B 329 -31.61 21.12 -25.08
CA PRO B 329 -30.35 20.37 -25.08
C PRO B 329 -29.19 21.24 -24.62
N LEU B 330 -28.29 20.62 -23.87
CA LEU B 330 -27.19 21.34 -23.26
C LEU B 330 -25.90 20.56 -23.45
N GLU B 331 -24.81 21.29 -23.58
CA GLU B 331 -23.46 20.74 -23.60
C GLU B 331 -22.70 21.43 -22.48
N ILE B 332 -22.41 20.69 -21.40
CA ILE B 332 -21.76 21.26 -20.23
C ILE B 332 -20.77 20.23 -19.70
N GLY B 333 -19.69 20.72 -19.11
CA GLY B 333 -18.63 19.87 -18.61
C GLY B 333 -18.32 20.12 -17.14
N PHE B 334 -17.81 19.08 -16.48
CA PHE B 334 -17.43 19.13 -15.08
C PHE B 334 -16.12 18.38 -14.89
N ASN B 335 -15.59 18.46 -13.67
CA ASN B 335 -14.40 17.68 -13.31
C ASN B 335 -14.79 16.24 -13.03
N SER B 336 -13.96 15.31 -13.53
CA SER B 336 -14.30 13.90 -13.44
C SER B 336 -14.29 13.41 -11.99
N ARG B 337 -13.29 13.82 -11.20
CA ARG B 337 -13.14 13.24 -9.87
C ARG B 337 -14.22 13.73 -8.91
N TYR B 338 -14.68 14.97 -9.08
CA TYR B 338 -15.71 15.51 -8.19
C TYR B 338 -17.04 14.79 -8.37
N LEU B 339 -17.33 14.35 -9.59
CA LEU B 339 -18.55 13.59 -9.82
C LEU B 339 -18.52 12.26 -9.07
N LEU B 340 -17.45 11.49 -9.24
CA LEU B 340 -17.38 10.15 -8.65
C LEU B 340 -17.40 10.19 -7.13
N ASP B 341 -16.96 11.31 -6.53
CA ASP B 341 -17.13 11.48 -5.11
C ASP B 341 -18.59 11.78 -4.76
N ILE B 342 -19.23 12.66 -5.53
CA ILE B 342 -20.63 12.97 -5.28
C ILE B 342 -21.48 11.73 -5.49
N ALA B 343 -21.35 11.11 -6.66
CA ALA B 343 -22.09 9.87 -6.92
C ALA B 343 -21.67 8.78 -5.95
N GLY B 344 -20.40 8.76 -5.55
CA GLY B 344 -19.97 7.84 -4.53
C GLY B 344 -20.66 8.08 -3.20
N GLN B 345 -21.11 9.33 -2.96
CA GLN B 345 -21.74 9.68 -1.70
C GLN B 345 -23.25 9.82 -1.79
N LEU B 346 -23.83 9.85 -2.99
CA LEU B 346 -25.27 9.79 -3.10
C LEU B 346 -25.73 8.35 -2.90
N SER B 347 -27.03 8.18 -2.62
CA SER B 347 -27.51 6.88 -2.15
C SER B 347 -28.71 6.31 -2.91
N SER B 348 -29.46 7.09 -3.68
CA SER B 348 -30.55 6.49 -4.43
C SER B 348 -30.05 5.99 -5.78
N ASP B 349 -30.90 5.18 -6.43
CA ASP B 349 -30.60 4.72 -7.77
C ASP B 349 -30.48 5.86 -8.75
N GLU B 350 -31.12 7.00 -8.47
CA GLU B 350 -31.19 8.11 -9.39
C GLU B 350 -30.37 9.29 -8.89
N MET B 351 -29.72 9.96 -9.82
CA MET B 351 -28.96 11.18 -9.58
C MET B 351 -29.64 12.32 -10.32
N VAL B 352 -29.72 13.49 -9.68
CA VAL B 352 -30.47 14.61 -10.24
C VAL B 352 -29.52 15.79 -10.42
N PHE B 353 -29.65 16.48 -11.56
CA PHE B 353 -28.86 17.66 -11.89
C PHE B 353 -29.79 18.84 -12.15
N MET B 354 -29.49 19.98 -11.52
CA MET B 354 -30.18 21.24 -11.78
C MET B 354 -29.25 22.17 -12.53
N LEU B 355 -29.56 22.42 -13.81
CA LEU B 355 -28.64 23.13 -14.68
C LEU B 355 -29.31 24.35 -15.30
N SER B 356 -28.48 25.22 -15.87
CA SER B 356 -28.93 26.38 -16.61
C SER B 356 -28.31 26.35 -18.01
N ASP B 357 -27.10 26.87 -18.14
CA ASP B 357 -26.33 26.75 -19.38
C ASP B 357 -24.97 26.13 -19.05
N ALA B 358 -24.07 26.12 -20.04
CA ALA B 358 -22.77 25.51 -19.86
C ALA B 358 -21.88 26.27 -18.88
N VAL B 359 -22.25 27.49 -18.50
CA VAL B 359 -21.42 28.32 -17.65
C VAL B 359 -21.98 28.48 -16.24
N ALA B 360 -23.26 28.16 -16.02
CA ALA B 360 -23.80 28.40 -14.69
C ALA B 360 -23.61 27.17 -13.81
N PRO B 361 -23.36 27.38 -12.51
CA PRO B 361 -23.13 26.24 -11.61
C PRO B 361 -24.29 25.27 -11.61
N ALA B 362 -23.96 24.00 -11.43
CA ALA B 362 -24.95 22.93 -11.37
C ALA B 362 -25.32 22.63 -9.93
N LEU B 363 -26.53 22.11 -9.74
CA LEU B 363 -26.98 21.65 -8.43
C LEU B 363 -27.36 20.19 -8.56
N ILE B 364 -26.74 19.34 -7.75
CA ILE B 364 -26.94 17.91 -7.78
C ILE B 364 -27.60 17.51 -6.47
N ARG B 365 -28.65 16.70 -6.55
CA ARG B 365 -29.39 16.29 -5.39
C ARG B 365 -29.90 14.88 -5.60
N ASP B 366 -30.46 14.31 -4.55
CA ASP B 366 -31.04 12.99 -4.65
C ASP B 366 -32.48 13.05 -5.13
N ASN B 368 -35.35 9.72 -3.82
CA ASN B 368 -34.97 11.12 -3.83
C ASN B 368 -35.14 11.76 -2.45
N ASN B 369 -34.05 11.86 -1.70
CA ASN B 369 -34.05 12.43 -0.35
C ASN B 369 -33.10 13.62 -0.37
N ALA B 370 -33.67 14.82 -0.41
CA ALA B 370 -32.92 16.05 -0.60
C ALA B 370 -32.33 16.59 0.68
N GLU B 371 -31.94 15.72 1.61
CA GLU B 371 -31.33 16.17 2.85
C GLU B 371 -29.99 16.83 2.60
N VAL B 372 -29.22 16.31 1.64
CA VAL B 372 -27.92 16.84 1.28
C VAL B 372 -27.97 17.35 -0.15
N LEU B 373 -27.04 18.25 -0.47
CA LEU B 373 -26.96 18.82 -1.81
C LEU B 373 -25.55 19.30 -2.09
N TYR B 374 -25.17 19.27 -3.36
CA TYR B 374 -23.85 19.67 -3.81
C TYR B 374 -23.98 20.73 -4.91
N VAL B 375 -22.97 21.58 -5.02
CA VAL B 375 -22.88 22.59 -6.07
C VAL B 375 -21.49 22.50 -6.68
N LEU B 376 -21.44 22.33 -8.00
CA LEU B 376 -20.19 22.13 -8.72
C LEU B 376 -20.05 23.18 -9.81
N MET B 377 -18.92 23.88 -9.83
CA MET B 377 -18.64 24.81 -10.92
C MET B 377 -18.44 24.04 -12.21
N PRO B 378 -19.06 24.44 -13.32
CA PRO B 378 -18.76 23.81 -14.60
C PRO B 378 -17.41 24.25 -15.12
N VAL B 379 -16.90 23.50 -16.10
CA VAL B 379 -15.65 23.83 -16.75
C VAL B 379 -15.91 23.91 -18.26
N ARG B 380 -14.94 24.49 -18.95
CA ARG B 380 -15.05 24.70 -20.39
C ARG B 380 -14.67 23.42 -21.11
N VAL B 381 -15.62 22.85 -21.85
CA VAL B 381 -15.39 21.63 -22.61
C VAL B 381 -15.94 21.77 -24.02
#